data_2HJ9
#
_entry.id   2HJ9
#
_cell.length_a   83.916
_cell.length_b   83.916
_cell.length_c   365.328
_cell.angle_alpha   90.00
_cell.angle_beta   90.00
_cell.angle_gamma   90.00
#
_symmetry.space_group_name_H-M   'P 43 21 2'
#
loop_
_entity.id
_entity.type
_entity.pdbx_description
1 polymer 'Autoinducer 2-binding periplasmic protein luxP'
2 polymer 'Autoinducer 2 sensor kinase/phosphatase luxQ'
3 non-polymer 3A-METHYL-5,6-DIHYDRO-FURO[2,3-D][1,3,2]DIOXABOROLE-2,2,6,6A-TETRAOL
4 water water
#
loop_
_entity_poly.entity_id
_entity_poly.type
_entity_poly.pdbx_seq_one_letter_code
_entity_poly.pdbx_strand_id
1 'polypeptide(L)'
;GYWGYQEFLDEFPEQRNLTNALSEAVRAQPVPLSKPTQRPIKISVVYPGQQVSDYWVRNIASFEKRLYKLNINYQLNQVF
TRPNADIKQQSLSLMEALKSKSDYLIFTLDTTRHRKFVEHVLDSTNTKLILQNITTPVREWDKHQPFLYVGFDHAEGSRE
LATEFGKFFPKHTYYSVLYFSEGYISDVRGDTFIHQVNRDNNFELQSAYYTKATKQSGYDAAKASLAKHPDVDFIYACST
DVALGAVDALAELGREDIMINGWGGGSAELDAIQKGDLDITVMRMNDDTGIAMAEAIKWDLEDKPVPTVYSGDFEIVTKA
DSPERIEALKKRAFRYSDN
;
A,B
2 'polypeptide(L)'
;GSKQQTSALIHNIFDSHFAAIQIHHDSNSKSEVIRDFYTDRDTDVLNFFFLSIDQSDPSHTPEFRFLTDHKGIIWDDGNA
HFYGVNDLILDSLANRVSFSNNWYYINVMTSIGSRHMLVRRVPILDPSTGEVLGFSFNAVVLDNNFALMEKLKSESNVDN
VVLVANSVPLANSLIGDEPYNVADVLQRKSSDKRLDKLLVIETPIVVNAVTTELCLLTVQD
;
C,D
#
# COMPACT_ATOMS: atom_id res chain seq x y z
N GLY A 1 11.14 11.76 8.60
CA GLY A 1 11.45 12.68 9.71
C GLY A 1 11.93 14.02 9.19
N TYR A 2 11.70 15.06 10.00
CA TYR A 2 12.16 16.40 9.70
C TYR A 2 13.08 16.88 10.78
N TRP A 3 14.03 17.70 10.36
CA TRP A 3 14.82 18.50 11.27
C TRP A 3 13.99 19.70 11.74
N GLY A 4 14.05 20.03 13.02
CA GLY A 4 13.51 21.30 13.50
C GLY A 4 14.36 22.38 12.86
N TYR A 5 13.83 23.59 12.73
CA TYR A 5 14.57 24.67 12.08
C TYR A 5 15.92 25.02 12.79
N GLN A 6 15.86 25.26 14.11
CA GLN A 6 17.04 25.56 14.90
C GLN A 6 17.94 24.34 15.01
N GLU A 7 17.29 23.18 15.11
CA GLU A 7 17.95 21.88 15.20
C GLU A 7 18.85 21.66 13.98
N PHE A 8 18.34 22.01 12.81
CA PHE A 8 19.07 21.85 11.55
C PHE A 8 20.23 22.82 11.48
N LEU A 9 19.98 24.06 11.90
CA LEU A 9 21.02 25.10 11.88
C LEU A 9 22.14 24.84 12.93
N ASP A 10 21.78 24.32 14.11
CA ASP A 10 22.72 23.84 15.12
C ASP A 10 23.52 22.61 14.69
N GLU A 11 22.90 21.71 13.94
CA GLU A 11 23.59 20.54 13.41
C GLU A 11 24.66 20.89 12.36
N PHE A 12 24.34 21.85 11.50
CA PHE A 12 25.26 22.25 10.45
C PHE A 12 25.57 23.73 10.61
N PRO A 13 26.68 24.07 11.30
CA PRO A 13 26.98 25.48 11.68
C PRO A 13 27.15 26.38 10.47
N GLU A 14 27.63 25.76 9.40
CA GLU A 14 27.81 26.35 8.07
C GLU A 14 26.46 26.83 7.51
N GLN A 15 25.41 26.04 7.74
CA GLN A 15 24.06 26.41 7.35
C GLN A 15 23.56 27.58 8.19
N ARG A 16 23.91 27.62 9.47
CA ARG A 16 23.50 28.79 10.26
C ARG A 16 24.05 30.05 9.67
N ASN A 17 25.35 30.02 9.34
CA ASN A 17 26.00 31.15 8.72
C ASN A 17 25.40 31.61 7.38
N LEU A 18 25.11 30.63 6.51
CA LEU A 18 24.42 30.88 5.23
C LEU A 18 23.05 31.53 5.45
N THR A 19 22.30 31.02 6.43
CA THR A 19 20.96 31.55 6.72
C THR A 19 21.04 32.97 7.31
N ASN A 20 21.95 33.14 8.26
CA ASN A 20 22.26 34.42 8.85
C ASN A 20 22.58 35.44 7.76
N ALA A 21 23.48 35.06 6.85
CA ALA A 21 23.84 35.90 5.73
C ALA A 21 22.63 36.28 4.90
N LEU A 22 21.73 35.33 4.66
CA LEU A 22 20.51 35.57 3.88
C LEU A 22 19.55 36.54 4.56
N SER A 23 19.35 36.37 5.87
CA SER A 23 18.52 37.31 6.65
C SER A 23 19.04 38.74 6.55
N GLU A 24 20.37 38.91 6.61
CA GLU A 24 20.97 40.24 6.46
C GLU A 24 20.61 40.85 5.10
N ALA A 25 20.82 40.10 4.02
CA ALA A 25 20.50 40.54 2.65
C ALA A 25 19.01 40.88 2.46
N VAL A 26 18.15 40.15 3.15
CA VAL A 26 16.70 40.42 3.12
C VAL A 26 16.36 41.71 3.88
N ARG A 27 17.03 41.92 5.01
CA ARG A 27 16.80 43.10 5.82
C ARG A 27 17.35 44.36 5.14
N ALA A 28 18.54 44.21 4.56
CA ALA A 28 19.25 45.29 3.91
C ALA A 28 18.62 45.67 2.58
N GLN A 29 19.05 46.81 2.05
CA GLN A 29 18.56 47.31 0.77
C GLN A 29 19.11 46.48 -0.42
N PRO A 30 18.35 46.42 -1.52
CA PRO A 30 18.72 45.53 -2.63
C PRO A 30 20.08 45.89 -3.28
N VAL A 31 20.99 44.91 -3.30
CA VAL A 31 22.23 44.97 -4.06
C VAL A 31 21.99 44.19 -5.35
N PRO A 32 21.83 44.89 -6.50
CA PRO A 32 21.48 44.21 -7.76
C PRO A 32 22.45 43.09 -8.16
N LEU A 33 22.01 42.26 -9.10
CA LEU A 33 22.75 41.10 -9.59
C LEU A 33 24.10 41.53 -10.14
N SER A 34 25.17 40.81 -9.77
CA SER A 34 26.52 41.19 -10.17
C SER A 34 27.05 40.37 -11.37
N LYS A 35 26.30 39.34 -11.75
CA LYS A 35 26.56 38.55 -12.95
C LYS A 35 25.28 38.43 -13.79
N PRO A 36 25.06 39.38 -14.73
CA PRO A 36 23.99 39.23 -15.75
C PRO A 36 23.99 37.89 -16.52
N THR A 37 22.81 37.49 -16.98
CA THR A 37 22.62 36.18 -17.60
C THR A 37 22.33 36.31 -19.09
N GLN A 38 22.72 35.27 -19.85
CA GLN A 38 22.56 35.23 -21.31
C GLN A 38 21.11 35.13 -21.83
N ARG A 39 20.16 34.89 -20.92
CA ARG A 39 18.73 34.73 -21.22
C ARG A 39 17.90 34.94 -19.93
N PRO A 40 16.58 35.21 -20.05
CA PRO A 40 15.80 35.28 -18.80
C PRO A 40 15.77 33.91 -18.12
N ILE A 41 15.70 33.91 -16.79
CA ILE A 41 15.51 32.66 -16.06
C ILE A 41 14.02 32.33 -16.10
N LYS A 42 13.72 31.05 -16.19
CA LYS A 42 12.34 30.60 -16.24
C LYS A 42 11.91 30.17 -14.83
N ILE A 43 10.91 30.86 -14.30
CA ILE A 43 10.38 30.58 -12.98
C ILE A 43 8.93 30.08 -13.06
N SER A 44 8.67 28.94 -12.45
CA SER A 44 7.31 28.43 -12.36
C SER A 44 6.88 28.37 -10.89
N VAL A 45 5.71 28.93 -10.61
CA VAL A 45 5.12 28.96 -9.28
C VAL A 45 3.84 28.16 -9.29
N VAL A 46 3.73 27.18 -8.40
CA VAL A 46 2.49 26.43 -8.21
C VAL A 46 2.14 26.47 -6.72
N TYR A 47 1.13 27.29 -6.40
CA TYR A 47 0.79 27.65 -5.03
C TYR A 47 -0.68 27.40 -4.78
N PRO A 48 -1.07 27.01 -3.56
CA PRO A 48 -2.50 26.95 -3.17
C PRO A 48 -3.04 28.33 -2.74
N GLY A 49 -2.81 29.32 -3.59
CA GLY A 49 -3.07 30.72 -3.27
C GLY A 49 -4.49 31.25 -3.34
N GLN A 50 -5.40 30.53 -3.98
CA GLN A 50 -6.84 30.87 -3.98
C GLN A 50 -7.48 30.61 -2.62
N GLN A 51 -7.25 31.53 -1.67
CA GLN A 51 -7.73 31.43 -0.29
C GLN A 51 -8.13 32.83 0.13
N VAL A 52 -8.80 32.93 1.27
CA VAL A 52 -9.05 34.25 1.88
C VAL A 52 -7.71 34.80 2.41
N SER A 53 -6.84 33.91 2.87
CA SER A 53 -5.44 34.26 3.17
C SER A 53 -4.71 34.81 1.95
N ASP A 54 -4.15 36.00 2.12
CA ASP A 54 -3.35 36.65 1.10
C ASP A 54 -1.85 36.26 1.18
N TYR A 55 -1.50 35.27 1.99
CA TYR A 55 -0.08 34.91 2.15
C TYR A 55 0.62 34.67 0.82
N TRP A 56 0.00 33.86 -0.01
CA TRP A 56 0.58 33.43 -1.28
C TRP A 56 0.52 34.55 -2.31
N VAL A 57 -0.57 35.33 -2.31
CA VAL A 57 -0.69 36.52 -3.19
C VAL A 57 0.45 37.49 -2.91
N ARG A 58 0.67 37.77 -1.63
CA ARG A 58 1.69 38.74 -1.20
C ARG A 58 3.10 38.19 -1.32
N ASN A 59 3.24 36.86 -1.23
CA ASN A 59 4.56 36.25 -1.29
C ASN A 59 5.13 36.46 -2.69
N ILE A 60 4.27 36.32 -3.69
CA ILE A 60 4.66 36.52 -5.09
C ILE A 60 4.82 37.99 -5.46
N ALA A 61 3.93 38.85 -4.99
CA ALA A 61 4.08 40.30 -5.20
C ALA A 61 5.45 40.81 -4.71
N SER A 62 5.83 40.45 -3.48
CA SER A 62 7.10 40.87 -2.91
C SER A 62 8.32 40.23 -3.57
N PHE A 63 8.20 38.95 -3.91
CA PHE A 63 9.21 38.21 -4.66
C PHE A 63 9.51 38.89 -6.00
N GLU A 64 8.48 39.14 -6.81
CA GLU A 64 8.62 39.82 -8.10
C GLU A 64 9.27 41.21 -7.96
N LYS A 65 8.76 42.04 -7.02
CA LYS A 65 9.33 43.36 -6.74
C LYS A 65 10.83 43.29 -6.48
N ARG A 66 11.23 42.40 -5.59
CA ARG A 66 12.63 42.25 -5.25
C ARG A 66 13.45 41.77 -6.46
N LEU A 67 12.89 40.83 -7.23
CA LEU A 67 13.53 40.37 -8.47
C LEU A 67 13.71 41.58 -9.38
N TYR A 68 12.68 42.41 -9.48
CA TYR A 68 12.82 43.63 -10.25
C TYR A 68 13.97 44.52 -9.74
N LYS A 69 13.90 44.92 -8.46
CA LYS A 69 14.92 45.75 -7.82
C LYS A 69 16.31 45.14 -7.82
N LEU A 70 16.40 43.85 -8.05
CA LEU A 70 17.69 43.14 -8.16
C LEU A 70 18.21 43.11 -9.62
N ASN A 71 17.47 43.74 -10.53
CA ASN A 71 17.71 43.69 -11.98
C ASN A 71 17.89 42.25 -12.53
N ILE A 72 16.98 41.36 -12.09
CA ILE A 72 17.01 39.96 -12.55
C ILE A 72 16.04 39.79 -13.69
N ASN A 73 16.55 39.29 -14.80
CA ASN A 73 15.78 39.09 -16.02
C ASN A 73 15.13 37.71 -15.97
N TYR A 74 13.81 37.69 -15.84
CA TYR A 74 13.07 36.43 -15.68
C TYR A 74 11.72 36.38 -16.42
N GLN A 75 11.20 35.16 -16.59
CA GLN A 75 9.80 34.93 -16.96
C GLN A 75 9.16 34.08 -15.89
N LEU A 76 7.96 34.47 -15.47
CA LEU A 76 7.27 33.82 -14.40
C LEU A 76 5.91 33.29 -14.88
N ASN A 77 5.76 31.97 -14.86
CA ASN A 77 4.46 31.31 -15.02
C ASN A 77 3.90 31.06 -13.60
N GLN A 78 2.66 31.52 -13.38
CA GLN A 78 2.05 31.51 -12.04
C GLN A 78 0.69 30.79 -12.04
N VAL A 79 0.58 29.73 -11.24
CA VAL A 79 -0.69 29.03 -11.10
C VAL A 79 -1.12 28.93 -9.63
N PHE A 80 -2.37 29.34 -9.36
CA PHE A 80 -2.93 29.29 -8.01
C PHE A 80 -4.09 28.32 -7.97
N THR A 81 -4.13 27.45 -6.96
CA THR A 81 -5.25 26.53 -6.78
C THR A 81 -5.85 26.75 -5.39
N ARG A 82 -6.97 26.11 -5.14
CA ARG A 82 -7.54 26.05 -3.81
C ARG A 82 -6.85 24.91 -3.07
N PRO A 83 -6.63 25.06 -1.75
CA PRO A 83 -6.15 23.89 -0.97
C PRO A 83 -7.09 22.68 -1.13
N ASN A 84 -6.52 21.49 -1.36
CA ASN A 84 -7.33 20.24 -1.57
C ASN A 84 -8.28 20.28 -2.77
N ALA A 85 -8.06 21.19 -3.72
CA ALA A 85 -8.90 21.21 -4.91
C ALA A 85 -8.01 21.44 -6.10
N ASP A 86 -8.62 21.50 -7.28
CA ASP A 86 -7.88 21.74 -8.50
C ASP A 86 -6.70 20.77 -8.64
N ILE A 87 -6.91 19.55 -8.13
CA ILE A 87 -5.90 18.51 -8.13
C ILE A 87 -5.31 18.27 -9.53
N LYS A 88 -6.16 18.13 -10.55
CA LYS A 88 -5.71 17.89 -11.93
C LYS A 88 -4.88 19.07 -12.47
N GLN A 89 -5.38 20.28 -12.27
CA GLN A 89 -4.65 21.50 -12.58
C GLN A 89 -3.25 21.55 -11.92
N GLN A 90 -3.19 21.24 -10.63
CA GLN A 90 -1.94 21.17 -9.90
C GLN A 90 -0.95 20.17 -10.49
N SER A 91 -1.37 18.94 -10.75
CA SER A 91 -0.50 17.95 -11.39
C SER A 91 -0.06 18.39 -12.78
N LEU A 92 -0.97 18.95 -13.56
CA LEU A 92 -0.64 19.46 -14.91
C LEU A 92 0.35 20.62 -14.90
N SER A 93 0.12 21.60 -14.03
CA SER A 93 1.03 22.75 -13.87
C SER A 93 2.47 22.34 -13.48
N LEU A 94 2.57 21.37 -12.56
CA LEU A 94 3.88 20.85 -12.16
C LEU A 94 4.58 20.15 -13.33
N MET A 95 3.81 19.37 -14.07
CA MET A 95 4.29 18.65 -15.21
C MET A 95 4.80 19.66 -16.27
N GLU A 96 3.97 20.66 -16.56
CA GLU A 96 4.32 21.69 -17.52
C GLU A 96 5.57 22.47 -17.13
N ALA A 97 5.75 22.72 -15.84
CA ALA A 97 6.92 23.42 -15.31
C ALA A 97 8.18 22.60 -15.50
N LEU A 98 8.07 21.29 -15.34
CA LEU A 98 9.23 20.43 -15.54
C LEU A 98 9.50 20.20 -17.02
N LYS A 99 8.43 20.02 -17.79
CA LYS A 99 8.54 19.85 -19.25
C LYS A 99 9.26 21.03 -19.90
N SER A 100 8.82 22.24 -19.59
CA SER A 100 9.42 23.45 -20.13
C SER A 100 10.76 23.77 -19.47
N LYS A 101 11.25 22.86 -18.63
CA LYS A 101 12.54 23.00 -17.92
C LYS A 101 12.73 24.36 -17.25
N SER A 102 11.76 24.76 -16.44
CA SER A 102 11.96 25.89 -15.53
C SER A 102 13.29 25.79 -14.81
N ASP A 103 13.93 26.93 -14.63
CA ASP A 103 15.14 27.02 -13.80
C ASP A 103 14.77 26.83 -12.31
N TYR A 104 13.69 27.47 -11.90
CA TYR A 104 13.19 27.34 -10.54
C TYR A 104 11.72 26.96 -10.58
N LEU A 105 11.36 25.97 -9.78
CA LEU A 105 9.97 25.58 -9.57
C LEU A 105 9.70 25.93 -8.12
N ILE A 106 8.68 26.76 -7.90
CA ILE A 106 8.35 27.17 -6.56
C ILE A 106 7.03 26.50 -6.15
N PHE A 107 7.12 25.69 -5.11
CA PHE A 107 6.04 24.80 -4.76
C PHE A 107 5.89 24.79 -3.22
N THR A 108 5.35 23.72 -2.64
CA THR A 108 5.13 23.64 -1.19
C THR A 108 5.13 22.15 -0.73
N LEU A 109 5.10 21.90 0.58
CA LEU A 109 5.07 20.54 1.07
C LEU A 109 4.21 20.52 2.32
N ASP A 110 2.96 20.08 2.18
CA ASP A 110 2.05 19.85 3.31
C ASP A 110 1.71 18.37 3.34
N THR A 111 1.31 17.82 2.19
CA THR A 111 0.82 16.42 2.16
C THR A 111 1.80 15.42 1.52
N THR A 112 1.48 14.13 1.72
CA THR A 112 2.16 13.04 1.02
C THR A 112 2.08 13.20 -0.50
N ARG A 113 0.96 13.71 -0.99
CA ARG A 113 0.85 14.07 -2.40
C ARG A 113 1.98 15.00 -2.88
N HIS A 114 2.16 16.13 -2.21
CA HIS A 114 3.27 17.06 -2.53
C HIS A 114 4.60 16.35 -2.39
N ARG A 115 4.79 15.62 -1.30
CA ARG A 115 6.03 14.90 -1.10
C ARG A 115 6.43 13.98 -2.27
N LYS A 116 5.47 13.22 -2.81
CA LYS A 116 5.73 12.27 -3.91
C LYS A 116 6.22 13.01 -5.16
N PHE A 117 5.53 14.10 -5.52
CA PHE A 117 5.94 14.97 -6.61
C PHE A 117 7.36 15.50 -6.44
N VAL A 118 7.65 15.99 -5.23
CA VAL A 118 8.95 16.56 -4.91
C VAL A 118 10.03 15.49 -4.98
N GLU A 119 9.74 14.29 -4.48
CA GLU A 119 10.72 13.20 -4.56
C GLU A 119 11.15 12.86 -6.00
N HIS A 120 10.20 12.95 -6.93
CA HIS A 120 10.46 12.78 -8.36
C HIS A 120 11.21 13.93 -9.03
N VAL A 121 11.26 15.09 -8.38
CA VAL A 121 11.99 16.25 -8.91
C VAL A 121 13.38 16.41 -8.27
N LEU A 122 13.67 15.66 -7.21
CA LEU A 122 14.93 15.84 -6.50
C LEU A 122 16.20 15.65 -7.33
N ASP A 123 16.24 14.64 -8.22
CA ASP A 123 17.48 14.36 -9.00
C ASP A 123 17.41 15.07 -10.38
N SER A 124 16.57 16.11 -10.46
CA SER A 124 16.38 16.86 -11.70
C SER A 124 17.67 17.53 -12.14
N THR A 125 17.85 17.50 -13.46
CA THR A 125 19.05 18.02 -14.12
C THR A 125 18.86 19.50 -14.47
N ASN A 126 17.61 19.95 -14.47
CA ASN A 126 17.28 21.26 -15.02
C ASN A 126 16.58 22.20 -14.09
N THR A 127 15.81 21.65 -13.16
CA THR A 127 14.93 22.45 -12.33
C THR A 127 15.38 22.40 -10.88
N LYS A 128 15.68 23.57 -10.32
CA LYS A 128 15.83 23.72 -8.89
C LYS A 128 14.47 23.94 -8.21
N LEU A 129 14.39 23.52 -6.94
CA LEU A 129 13.15 23.48 -6.18
C LEU A 129 13.12 24.43 -4.96
N ILE A 130 12.10 25.26 -4.89
CA ILE A 130 11.89 26.05 -3.71
C ILE A 130 10.58 25.61 -3.09
N LEU A 131 10.63 25.14 -1.83
CA LEU A 131 9.41 24.77 -1.11
C LEU A 131 9.00 25.86 -0.13
N GLN A 132 7.97 26.61 -0.48
CA GLN A 132 7.43 27.65 0.37
C GLN A 132 6.58 27.11 1.52
N ASN A 133 6.55 27.83 2.65
CA ASN A 133 5.67 27.48 3.79
C ASN A 133 6.13 26.18 4.48
N ILE A 134 7.41 25.89 4.40
CA ILE A 134 8.04 24.82 5.19
C ILE A 134 9.49 25.22 5.48
N THR A 135 9.93 25.00 6.72
CA THR A 135 11.25 25.40 7.16
C THR A 135 11.93 24.29 7.95
N THR A 136 11.47 23.06 7.76
CA THR A 136 11.98 21.88 8.49
C THR A 136 12.46 20.81 7.50
N PRO A 137 13.77 20.85 7.14
CA PRO A 137 14.31 19.90 6.15
C PRO A 137 13.97 18.43 6.43
N VAL A 138 13.68 17.71 5.34
CA VAL A 138 13.43 16.27 5.41
C VAL A 138 14.75 15.53 5.63
N ARG A 139 14.81 14.74 6.71
CA ARG A 139 16.00 13.93 7.04
C ARG A 139 16.44 12.94 5.94
N GLU A 140 15.48 12.13 5.47
CA GLU A 140 15.71 11.19 4.35
C GLU A 140 16.38 11.80 3.11
N TRP A 141 16.20 13.11 2.90
CA TRP A 141 16.73 13.80 1.72
C TRP A 141 18.11 14.44 1.95
N ASP A 142 18.69 14.26 3.14
CA ASP A 142 20.06 14.76 3.40
C ASP A 142 20.96 14.40 2.22
N LYS A 143 21.76 15.38 1.77
CA LYS A 143 22.68 15.24 0.60
C LYS A 143 21.99 15.33 -0.78
N HIS A 144 20.66 15.37 -0.77
CA HIS A 144 19.85 15.59 -1.99
C HIS A 144 18.75 16.61 -1.71
N GLN A 145 19.05 17.58 -0.85
CA GLN A 145 18.10 18.57 -0.38
C GLN A 145 17.69 19.54 -1.50
N PRO A 146 16.42 19.98 -1.51
CA PRO A 146 16.03 21.06 -2.42
C PRO A 146 16.87 22.32 -2.24
N PHE A 147 16.87 23.15 -3.27
CA PHE A 147 17.54 24.45 -3.28
C PHE A 147 17.23 25.30 -2.05
N LEU A 148 15.93 25.35 -1.68
CA LEU A 148 15.49 26.17 -0.54
C LEU A 148 14.15 25.71 0.06
N TYR A 149 14.12 25.61 1.38
CA TYR A 149 12.89 25.59 2.15
C TYR A 149 12.71 26.98 2.75
N VAL A 150 11.58 27.63 2.49
CA VAL A 150 11.42 28.99 2.94
C VAL A 150 10.02 29.19 3.55
N GLY A 151 9.96 29.87 4.68
CA GLY A 151 8.68 30.18 5.28
C GLY A 151 8.80 30.85 6.62
N PHE A 152 7.72 30.77 7.39
CA PHE A 152 7.70 31.27 8.74
C PHE A 152 7.45 30.05 9.61
N ASP A 153 8.43 29.65 10.40
CA ASP A 153 8.39 28.39 11.14
C ASP A 153 7.07 28.19 11.89
N HIS A 154 6.34 27.13 11.49
CA HIS A 154 5.02 26.85 12.06
C HIS A 154 5.11 26.60 13.55
N ALA A 155 6.16 25.93 13.99
CA ALA A 155 6.30 25.58 15.40
C ALA A 155 6.50 26.82 16.27
N GLU A 156 7.45 27.69 15.86
CA GLU A 156 7.73 28.94 16.56
C GLU A 156 6.48 29.76 16.78
N GLY A 157 5.71 29.96 15.70
CA GLY A 157 4.47 30.68 15.75
C GLY A 157 3.39 30.04 16.63
N SER A 158 3.39 28.71 16.70
CA SER A 158 2.47 27.98 17.57
C SER A 158 2.89 28.05 19.04
N ARG A 159 4.20 27.95 19.27
CA ARG A 159 4.81 28.19 20.58
C ARG A 159 4.43 29.57 21.11
N GLU A 160 4.46 30.59 20.23
CA GLU A 160 4.15 31.97 20.64
C GLU A 160 2.70 32.15 21.00
N LEU A 161 1.80 31.51 20.27
CA LEU A 161 0.38 31.53 20.59
C LEU A 161 0.09 30.79 21.87
N ALA A 162 0.79 29.67 22.08
CA ALA A 162 0.60 28.83 23.25
C ALA A 162 1.01 29.53 24.54
N THR A 163 2.18 30.16 24.54
CA THR A 163 2.62 31.06 25.61
C THR A 163 1.55 32.12 25.95
N GLU A 164 0.99 32.77 24.94
CA GLU A 164 -0.02 33.81 25.16
C GLU A 164 -1.35 33.31 25.75
N PHE A 165 -1.88 32.19 25.24
CA PHE A 165 -3.08 31.59 25.82
C PHE A 165 -2.78 31.07 27.22
N GLY A 166 -1.55 30.64 27.44
CA GLY A 166 -1.09 30.20 28.75
C GLY A 166 -1.23 31.29 29.82
N LYS A 167 -1.17 32.55 29.39
CA LYS A 167 -1.22 33.70 30.28
C LYS A 167 -2.63 34.25 30.45
N PHE A 168 -3.42 34.27 29.36
CA PHE A 168 -4.82 34.70 29.40
C PHE A 168 -5.68 33.85 30.37
N PHE A 169 -5.45 32.53 30.36
CA PHE A 169 -6.39 31.57 30.94
C PHE A 169 -5.83 30.78 32.10
N PRO A 170 -6.71 30.35 33.02
CA PRO A 170 -6.26 29.56 34.17
C PRO A 170 -6.02 28.07 33.80
N LYS A 171 -5.27 27.37 34.67
CA LYS A 171 -5.06 25.94 34.51
C LYS A 171 -6.38 25.18 34.33
N HIS A 172 -6.32 24.10 33.55
CA HIS A 172 -7.45 23.18 33.28
C HIS A 172 -8.53 23.83 32.40
N THR A 173 -8.19 24.96 31.80
CA THR A 173 -9.10 25.60 30.85
C THR A 173 -9.49 24.62 29.73
N TYR A 174 -10.77 24.67 29.34
CA TYR A 174 -11.33 23.83 28.31
C TYR A 174 -11.21 24.54 26.97
N TYR A 175 -10.68 23.84 25.98
CA TYR A 175 -10.61 24.41 24.63
C TYR A 175 -10.85 23.33 23.59
N SER A 176 -11.21 23.76 22.38
CA SER A 176 -11.21 22.89 21.20
C SER A 176 -10.19 23.34 20.14
N VAL A 177 -9.84 22.44 19.22
CA VAL A 177 -8.85 22.71 18.17
C VAL A 177 -9.46 22.46 16.79
N LEU A 178 -9.34 23.44 15.90
CA LEU A 178 -9.74 23.27 14.51
C LEU A 178 -8.46 23.25 13.72
N TYR A 179 -8.11 22.06 13.25
CA TYR A 179 -6.90 21.81 12.50
C TYR A 179 -7.11 22.28 11.06
N PHE A 180 -6.05 22.19 10.26
CA PHE A 180 -6.10 22.43 8.83
C PHE A 180 -6.61 21.05 8.31
N SER A 181 -6.47 20.76 7.03
CA SER A 181 -6.54 19.38 6.60
C SER A 181 -5.34 18.57 7.11
N GLU A 182 -5.50 17.25 7.14
CA GLU A 182 -4.43 16.35 7.55
C GLU A 182 -3.12 16.65 6.84
N GLY A 183 -2.02 16.61 7.58
CA GLY A 183 -0.74 16.90 6.97
C GLY A 183 0.21 17.60 7.90
N TYR A 184 1.27 18.13 7.30
CA TYR A 184 2.35 18.80 8.00
C TYR A 184 1.88 20.03 8.79
N ILE A 185 1.07 20.87 8.15
CA ILE A 185 0.56 22.09 8.79
C ILE A 185 -0.21 21.80 10.09
N SER A 186 -1.22 20.93 10.00
CA SER A 186 -1.95 20.47 11.20
C SER A 186 -1.02 19.87 12.24
N ASP A 187 0.01 19.13 11.81
CA ASP A 187 0.93 18.52 12.76
C ASP A 187 1.81 19.56 13.46
N VAL A 188 2.35 20.50 12.70
CA VAL A 188 3.29 21.45 13.30
C VAL A 188 2.62 22.64 13.93
N ARG A 189 1.53 23.12 13.36
CA ARG A 189 0.75 24.16 14.06
C ARG A 189 -0.12 23.62 15.19
N GLY A 190 -0.87 22.56 14.93
CA GLY A 190 -1.88 22.09 15.87
C GLY A 190 -1.34 21.26 17.01
N ASP A 191 -0.56 20.23 16.67
CA ASP A 191 -0.06 19.33 17.70
C ASP A 191 1.02 19.93 18.59
N THR A 192 1.73 20.90 18.04
CA THR A 192 2.69 21.69 18.81
C THR A 192 1.94 22.47 19.91
N PHE A 193 0.87 23.15 19.52
CA PHE A 193 0.11 23.97 20.45
C PHE A 193 -0.51 23.09 21.55
N ILE A 194 -1.16 22.01 21.14
CA ILE A 194 -1.87 21.12 22.04
C ILE A 194 -0.91 20.60 23.07
N HIS A 195 0.25 20.17 22.60
CA HIS A 195 1.27 19.56 23.47
C HIS A 195 1.77 20.53 24.52
N GLN A 196 2.06 21.77 24.13
CA GLN A 196 2.62 22.76 25.06
C GLN A 196 1.60 23.27 26.08
N VAL A 197 0.40 23.52 25.61
CA VAL A 197 -0.72 23.94 26.42
C VAL A 197 -1.11 22.85 27.46
N ASN A 198 -1.11 21.58 27.05
CA ASN A 198 -1.41 20.48 27.98
C ASN A 198 -0.33 20.32 29.06
N ARG A 199 0.95 20.30 28.69
CA ARG A 199 1.98 20.11 29.70
C ARG A 199 2.28 21.36 30.58
N ASP A 200 2.05 22.56 30.06
CA ASP A 200 2.40 23.76 30.81
C ASP A 200 1.25 24.39 31.62
N ASN A 201 0.02 24.10 31.24
CA ASN A 201 -1.12 24.78 31.82
C ASN A 201 -2.27 23.81 32.09
N ASN A 202 -2.04 22.54 31.83
CA ASN A 202 -3.09 21.52 31.98
C ASN A 202 -4.40 21.91 31.31
N PHE A 203 -4.35 22.67 30.21
CA PHE A 203 -5.59 22.92 29.46
C PHE A 203 -6.15 21.56 29.05
N GLU A 204 -7.44 21.49 28.78
CA GLU A 204 -8.04 20.21 28.51
C GLU A 204 -8.77 20.26 27.20
N LEU A 205 -8.24 19.49 26.26
CA LEU A 205 -8.76 19.49 24.93
C LEU A 205 -10.11 18.78 24.97
N GLN A 206 -11.15 19.44 24.49
CA GLN A 206 -12.48 18.83 24.51
C GLN A 206 -12.85 18.18 23.18
N SER A 207 -12.39 18.77 22.09
CA SER A 207 -12.58 18.23 20.76
C SER A 207 -11.59 18.81 19.75
N ALA A 208 -11.32 18.05 18.71
CA ALA A 208 -10.51 18.52 17.60
C ALA A 208 -11.10 17.98 16.30
N TYR A 209 -11.11 18.83 15.27
CA TYR A 209 -11.57 18.49 13.91
C TYR A 209 -10.52 18.85 12.87
N TYR A 210 -10.25 17.90 11.99
CA TYR A 210 -9.67 18.23 10.70
C TYR A 210 -10.73 18.87 9.82
N THR A 211 -10.29 19.74 8.92
CA THR A 211 -11.18 20.50 8.08
C THR A 211 -10.69 20.35 6.64
N LYS A 212 -11.32 21.07 5.72
CA LYS A 212 -10.92 21.04 4.31
C LYS A 212 -10.12 22.30 3.98
N ALA A 213 -9.59 22.94 5.02
CA ALA A 213 -8.74 24.14 4.88
C ALA A 213 -9.46 25.38 4.35
N THR A 214 -10.80 25.35 4.34
CA THR A 214 -11.64 26.46 3.88
C THR A 214 -12.44 27.13 4.99
N LYS A 215 -12.90 28.35 4.70
CA LYS A 215 -13.85 29.10 5.53
C LYS A 215 -15.11 28.29 5.86
N GLN A 216 -15.79 27.78 4.83
CA GLN A 216 -17.02 26.99 4.96
C GLN A 216 -16.77 25.77 5.82
N SER A 217 -15.62 25.13 5.60
CA SER A 217 -15.18 23.97 6.36
C SER A 217 -14.92 24.31 7.82
N GLY A 218 -14.44 25.53 8.08
CA GLY A 218 -14.19 26.00 9.44
C GLY A 218 -15.48 26.32 10.17
N TYR A 219 -16.39 26.98 9.46
CA TYR A 219 -17.75 27.21 9.93
C TYR A 219 -18.41 25.91 10.36
N ASP A 220 -18.45 24.94 9.44
CA ASP A 220 -19.08 23.63 9.68
C ASP A 220 -18.50 22.81 10.84
N ALA A 221 -17.17 22.76 10.95
CA ALA A 221 -16.49 22.05 12.04
C ALA A 221 -16.66 22.74 13.38
N ALA A 222 -16.61 24.08 13.36
CA ALA A 222 -16.90 24.89 14.56
C ALA A 222 -18.33 24.63 15.08
N LYS A 223 -19.32 24.65 14.18
CA LYS A 223 -20.70 24.40 14.58
C LYS A 223 -20.87 22.98 15.12
N ALA A 224 -20.33 21.99 14.42
CA ALA A 224 -20.40 20.61 14.88
C ALA A 224 -19.74 20.42 16.24
N SER A 225 -18.58 21.05 16.45
CA SER A 225 -17.79 20.95 17.68
C SER A 225 -18.54 21.50 18.89
N LEU A 226 -19.06 22.72 18.74
CA LEU A 226 -19.74 23.43 19.80
C LEU A 226 -21.10 22.83 20.11
N ALA A 227 -21.68 22.16 19.12
CA ALA A 227 -22.90 21.40 19.36
C ALA A 227 -22.64 20.29 20.36
N LYS A 228 -21.48 19.65 20.29
CA LYS A 228 -21.15 18.52 21.17
C LYS A 228 -20.46 18.95 22.44
N HIS A 229 -19.73 20.07 22.36
CA HIS A 229 -18.88 20.56 23.45
C HIS A 229 -18.99 22.07 23.52
N PRO A 230 -20.15 22.57 23.97
CA PRO A 230 -20.38 24.02 24.10
C PRO A 230 -19.58 24.67 25.22
N ASP A 231 -18.98 23.87 26.10
CA ASP A 231 -18.37 24.42 27.31
C ASP A 231 -16.86 24.67 27.21
N VAL A 232 -16.45 25.38 26.16
CA VAL A 232 -15.04 25.72 25.98
C VAL A 232 -14.86 27.22 26.05
N ASP A 233 -13.72 27.65 26.58
CA ASP A 233 -13.38 29.06 26.71
C ASP A 233 -12.62 29.56 25.48
N PHE A 234 -11.90 28.68 24.79
CA PHE A 234 -11.29 29.09 23.52
C PHE A 234 -11.27 28.02 22.43
N ILE A 235 -11.13 28.49 21.19
CA ILE A 235 -10.91 27.63 20.03
C ILE A 235 -9.56 28.01 19.42
N TYR A 236 -8.64 27.04 19.37
CA TYR A 236 -7.39 27.20 18.61
C TYR A 236 -7.57 26.75 17.15
N ALA A 237 -7.50 27.72 16.24
CA ALA A 237 -7.55 27.47 14.80
C ALA A 237 -6.12 27.42 14.19
N CYS A 238 -5.92 26.46 13.29
CA CYS A 238 -4.58 26.23 12.73
C CYS A 238 -4.34 27.06 11.45
N SER A 239 -5.34 27.78 10.97
CA SER A 239 -5.13 28.57 9.75
C SER A 239 -6.15 29.69 9.58
N THR A 240 -5.79 30.65 8.71
CA THR A 240 -6.57 31.85 8.44
C THR A 240 -8.01 31.58 8.06
N ASP A 241 -8.25 30.91 6.92
CA ASP A 241 -9.61 30.64 6.42
C ASP A 241 -10.48 29.89 7.41
N VAL A 242 -9.89 28.86 8.02
CA VAL A 242 -10.54 28.08 9.07
C VAL A 242 -10.97 28.97 10.24
N ALA A 243 -10.06 29.84 10.70
CA ALA A 243 -10.35 30.79 11.80
C ALA A 243 -11.53 31.72 11.50
N LEU A 244 -11.57 32.25 10.28
CA LEU A 244 -12.58 33.24 9.91
C LEU A 244 -13.92 32.55 9.69
N GLY A 245 -13.88 31.28 9.30
CA GLY A 245 -15.09 30.50 9.19
C GLY A 245 -15.66 30.30 10.58
N ALA A 246 -14.80 29.98 11.54
CA ALA A 246 -15.21 29.77 12.93
C ALA A 246 -15.77 31.05 13.55
N VAL A 247 -15.24 32.20 13.12
CA VAL A 247 -15.71 33.50 13.55
C VAL A 247 -17.21 33.65 13.23
N ASP A 248 -17.58 33.31 11.99
CA ASP A 248 -18.98 33.32 11.55
C ASP A 248 -19.84 32.37 12.37
N ALA A 249 -19.22 31.29 12.83
CA ALA A 249 -19.94 30.26 13.58
C ALA A 249 -20.30 30.72 14.97
N LEU A 250 -19.37 31.39 15.64
CA LEU A 250 -19.59 31.90 16.99
C LEU A 250 -20.61 33.05 16.99
N ALA A 251 -20.59 33.85 15.93
CA ALA A 251 -21.54 34.95 15.81
C ALA A 251 -22.95 34.39 15.60
N GLU A 252 -23.10 33.50 14.61
CA GLU A 252 -24.36 32.79 14.34
C GLU A 252 -24.96 32.13 15.57
N LEU A 253 -24.11 31.74 16.52
CA LEU A 253 -24.56 31.10 17.76
C LEU A 253 -24.44 32.04 18.96
N GLY A 254 -24.14 33.31 18.69
CA GLY A 254 -23.92 34.31 19.75
C GLY A 254 -22.95 33.83 20.81
N ARG A 255 -21.66 33.74 20.46
CA ARG A 255 -20.66 33.11 21.30
C ARG A 255 -19.28 33.77 21.35
N GLU A 256 -19.19 35.08 21.12
CA GLU A 256 -17.85 35.73 21.22
C GLU A 256 -17.31 35.80 22.65
N ASP A 257 -17.99 35.15 23.59
CA ASP A 257 -17.40 34.83 24.89
C ASP A 257 -16.23 33.89 24.68
N ILE A 258 -16.34 33.04 23.66
CA ILE A 258 -15.23 32.16 23.28
C ILE A 258 -14.19 32.97 22.52
N MET A 259 -12.95 32.87 22.98
CA MET A 259 -11.82 33.49 22.33
C MET A 259 -11.30 32.62 21.16
N ILE A 260 -11.02 33.26 20.01
CA ILE A 260 -10.42 32.58 18.85
C ILE A 260 -9.22 33.31 18.21
N ASN A 261 -8.18 32.55 17.88
CA ASN A 261 -6.98 33.07 17.25
C ASN A 261 -7.07 33.00 15.74
N GLY A 262 -6.31 33.88 15.09
CA GLY A 262 -5.95 33.70 13.69
C GLY A 262 -4.58 33.06 13.68
N TRP A 263 -4.00 32.92 12.50
CA TRP A 263 -2.67 32.32 12.34
C TRP A 263 -2.05 32.84 11.06
N GLY A 264 -1.16 33.81 11.19
CA GLY A 264 -0.53 34.43 10.02
C GLY A 264 -0.55 35.96 10.01
N GLY A 265 -1.72 36.53 10.22
CA GLY A 265 -1.90 37.97 10.27
C GLY A 265 -1.77 38.73 8.96
N GLY A 266 -2.54 38.32 7.96
CA GLY A 266 -2.64 39.07 6.72
C GLY A 266 -3.81 40.04 6.81
N SER A 267 -4.16 40.66 5.70
CA SER A 267 -5.14 41.74 5.70
C SER A 267 -6.49 41.38 6.31
N ALA A 268 -7.08 40.26 5.90
CA ALA A 268 -8.43 39.91 6.38
C ALA A 268 -8.45 39.61 7.87
N GLU A 269 -7.37 39.00 8.36
CA GLU A 269 -7.20 38.71 9.75
C GLU A 269 -7.03 40.00 10.55
N LEU A 270 -6.26 40.94 10.01
CA LEU A 270 -6.05 42.24 10.66
C LEU A 270 -7.36 43.05 10.77
N ASP A 271 -8.19 42.97 9.74
CA ASP A 271 -9.49 43.63 9.78
C ASP A 271 -10.37 42.99 10.84
N ALA A 272 -10.31 41.67 10.96
CA ALA A 272 -11.08 40.94 11.97
C ALA A 272 -10.53 41.18 13.37
N ILE A 273 -9.23 41.43 13.49
CA ILE A 273 -8.59 41.79 14.76
C ILE A 273 -9.09 43.16 15.25
N GLN A 274 -8.92 44.19 14.41
CA GLN A 274 -9.31 45.58 14.73
C GLN A 274 -10.82 45.73 14.91
N LYS A 275 -11.58 44.85 14.26
CA LYS A 275 -13.03 44.78 14.41
C LYS A 275 -13.45 44.05 15.70
N GLY A 276 -12.50 43.41 16.39
CA GLY A 276 -12.80 42.62 17.59
C GLY A 276 -13.21 41.16 17.37
N ASP A 277 -13.38 40.76 16.12
CA ASP A 277 -13.82 39.39 15.75
C ASP A 277 -12.79 38.27 15.93
N LEU A 278 -11.51 38.59 15.81
CA LEU A 278 -10.44 37.71 16.28
C LEU A 278 -9.81 38.32 17.50
N ASP A 279 -9.43 37.50 18.47
CA ASP A 279 -8.87 38.01 19.72
C ASP A 279 -7.36 38.16 19.65
N ILE A 280 -6.75 37.27 18.89
CA ILE A 280 -5.30 37.21 18.82
C ILE A 280 -4.87 36.57 17.48
N THR A 281 -3.63 36.84 17.09
CA THR A 281 -2.98 36.11 16.01
C THR A 281 -1.49 36.25 16.12
N VAL A 282 -0.78 35.34 15.46
CA VAL A 282 0.66 35.42 15.29
C VAL A 282 0.86 36.06 13.91
N MET A 283 1.44 37.25 13.87
CA MET A 283 1.58 37.99 12.62
C MET A 283 2.96 37.75 12.01
N ARG A 284 2.98 37.31 10.75
CA ARG A 284 4.23 37.11 10.00
C ARG A 284 4.70 38.46 9.41
N MET A 285 6.02 38.67 9.45
CA MET A 285 6.63 39.80 8.75
C MET A 285 6.71 39.41 7.29
N ASN A 286 5.51 39.34 6.72
CA ASN A 286 5.19 38.68 5.47
C ASN A 286 6.21 38.66 4.34
N ASP A 287 6.64 39.85 3.91
CA ASP A 287 7.33 40.03 2.64
C ASP A 287 8.73 39.47 2.65
N ASP A 288 9.25 39.18 3.83
CA ASP A 288 10.60 38.62 3.96
C ASP A 288 10.78 37.25 3.26
N THR A 289 9.72 36.45 3.19
CA THR A 289 9.83 35.16 2.49
C THR A 289 9.71 35.24 0.96
N GLY A 290 9.13 36.32 0.45
CA GLY A 290 9.17 36.59 -0.98
C GLY A 290 10.54 37.11 -1.35
N ILE A 291 11.02 38.10 -0.59
CA ILE A 291 12.33 38.69 -0.77
C ILE A 291 13.44 37.65 -0.63
N ALA A 292 13.39 36.81 0.40
CA ALA A 292 14.42 35.79 0.58
C ALA A 292 14.61 34.91 -0.66
N MET A 293 13.52 34.67 -1.40
CA MET A 293 13.55 33.81 -2.57
C MET A 293 14.31 34.48 -3.72
N ALA A 294 13.94 35.71 -4.04
CA ALA A 294 14.65 36.55 -5.00
C ALA A 294 16.16 36.66 -4.67
N GLU A 295 16.47 37.00 -3.42
CA GLU A 295 17.88 36.99 -2.93
C GLU A 295 18.58 35.63 -3.07
N ALA A 296 17.87 34.54 -2.76
CA ALA A 296 18.41 33.18 -2.98
C ALA A 296 18.68 32.86 -4.45
N ILE A 297 17.81 33.32 -5.34
CA ILE A 297 18.02 33.15 -6.78
C ILE A 297 19.20 33.99 -7.30
N LYS A 298 19.30 35.24 -6.83
CA LYS A 298 20.44 36.10 -7.15
C LYS A 298 21.76 35.43 -6.78
N TRP A 299 21.84 34.90 -5.58
CA TRP A 299 23.05 34.20 -5.12
C TRP A 299 23.43 32.99 -5.98
N ASP A 300 22.43 32.22 -6.38
CA ASP A 300 22.65 31.07 -7.27
C ASP A 300 23.19 31.54 -8.63
N LEU A 301 22.70 32.69 -9.11
CA LEU A 301 23.13 33.23 -10.39
C LEU A 301 24.59 33.75 -10.32
N GLU A 302 24.94 34.37 -9.20
CA GLU A 302 26.33 34.79 -8.92
C GLU A 302 27.20 33.66 -8.39
N ASP A 303 26.75 32.41 -8.53
CA ASP A 303 27.46 31.20 -8.10
C ASP A 303 27.89 31.12 -6.64
N LYS A 304 27.12 31.79 -5.76
CA LYS A 304 27.34 31.75 -4.32
C LYS A 304 26.59 30.58 -3.66
N PRO A 305 27.05 30.14 -2.46
CA PRO A 305 26.24 29.16 -1.75
C PRO A 305 24.94 29.78 -1.19
N VAL A 306 23.88 28.97 -1.21
CA VAL A 306 22.55 29.38 -0.76
C VAL A 306 22.18 28.44 0.39
N PRO A 307 21.64 28.99 1.49
CA PRO A 307 21.24 28.16 2.62
C PRO A 307 20.12 27.20 2.22
N THR A 308 20.10 26.03 2.83
CA THR A 308 19.05 25.04 2.55
C THR A 308 17.70 25.55 3.07
N VAL A 309 17.73 26.32 4.17
CA VAL A 309 16.50 26.76 4.85
C VAL A 309 16.51 28.24 5.26
N TYR A 310 15.35 28.87 5.22
CA TYR A 310 15.14 30.24 5.72
C TYR A 310 13.78 30.39 6.39
N SER A 311 13.77 30.83 7.65
CA SER A 311 12.53 31.27 8.33
C SER A 311 12.49 32.77 8.65
N GLY A 312 11.36 33.42 8.37
CA GLY A 312 11.07 34.77 8.82
C GLY A 312 10.59 34.82 10.27
N ASP A 313 10.25 36.02 10.75
CA ASP A 313 9.83 36.19 12.15
C ASP A 313 8.38 36.62 12.29
N PHE A 314 7.88 36.55 13.51
CA PHE A 314 6.49 36.92 13.82
C PHE A 314 6.50 38.07 14.82
N GLU A 315 5.35 38.71 14.94
CA GLU A 315 4.97 39.54 16.09
C GLU A 315 3.59 39.08 16.55
N ILE A 316 3.33 39.12 17.85
CA ILE A 316 1.99 38.81 18.36
C ILE A 316 1.10 40.05 18.26
N VAL A 317 -0.13 39.86 17.83
CA VAL A 317 -1.10 40.97 17.70
C VAL A 317 -2.42 40.61 18.39
N THR A 318 -2.93 41.48 19.27
CA THR A 318 -4.22 41.25 19.94
C THR A 318 -5.25 42.31 19.54
N LYS A 319 -6.53 42.09 19.85
CA LYS A 319 -7.58 43.07 19.52
C LYS A 319 -7.47 44.35 20.36
N ALA A 320 -6.62 44.29 21.39
CA ALA A 320 -6.30 45.41 22.27
C ALA A 320 -5.08 46.22 21.80
N ASP A 321 -4.55 45.89 20.61
CA ASP A 321 -3.45 46.70 20.04
C ASP A 321 -4.02 47.98 19.46
N SER A 322 -3.24 49.06 19.53
CA SER A 322 -3.68 50.37 19.03
C SER A 322 -3.65 50.39 17.50
N PRO A 323 -4.46 51.27 16.87
CA PRO A 323 -4.42 51.43 15.40
C PRO A 323 -3.02 51.86 14.96
N GLU A 324 -2.29 52.42 15.92
CA GLU A 324 -0.89 52.81 15.76
C GLU A 324 0.05 51.60 15.62
N ARG A 325 -0.11 50.61 16.51
CA ARG A 325 0.73 49.39 16.55
C ARG A 325 0.58 48.54 15.28
N ILE A 326 -0.66 48.33 14.86
CA ILE A 326 -1.00 47.57 13.67
C ILE A 326 -0.40 48.24 12.44
N GLU A 327 -0.74 49.53 12.25
CA GLU A 327 -0.28 50.27 11.11
C GLU A 327 1.24 50.17 10.95
N ALA A 328 1.96 50.28 12.07
CA ALA A 328 3.41 50.16 12.06
C ALA A 328 3.86 48.73 11.74
N LEU A 329 3.05 47.73 12.12
CA LEU A 329 3.37 46.34 11.77
C LEU A 329 3.11 46.07 10.29
N LYS A 330 2.01 46.60 9.77
CA LYS A 330 1.71 46.55 8.35
C LYS A 330 2.79 47.15 7.45
N LYS A 331 3.56 48.11 7.96
CA LYS A 331 4.60 48.80 7.16
C LYS A 331 5.88 47.99 7.13
N ARG A 332 6.09 47.21 8.17
CA ARG A 332 7.12 46.19 8.24
C ARG A 332 6.70 44.99 7.35
N ALA A 333 5.51 44.44 7.61
CA ALA A 333 5.05 43.19 6.97
C ALA A 333 4.85 43.27 5.45
N PHE A 334 4.23 44.35 4.99
CA PHE A 334 3.81 44.52 3.61
C PHE A 334 4.64 45.59 2.89
N ARG A 335 5.90 45.72 3.28
CA ARG A 335 6.78 46.75 2.71
C ARG A 335 6.90 46.73 1.16
N TYR A 336 6.84 45.54 0.56
CA TYR A 336 6.81 45.44 -0.90
C TYR A 336 5.37 45.21 -1.41
N SER A 337 4.67 44.23 -0.82
CA SER A 337 3.35 43.81 -1.29
C SER A 337 2.25 44.89 -1.19
N ASP A 338 2.35 45.78 -0.22
CA ASP A 338 1.42 46.92 -0.17
C ASP A 338 1.83 48.03 -1.17
N ASN A 339 3.06 47.94 -1.70
CA ASN A 339 3.65 49.03 -2.49
C ASN A 339 3.99 48.73 -3.96
N GLY B 1 4.11 -16.59 -9.68
CA GLY B 1 3.53 -16.56 -11.05
C GLY B 1 3.26 -17.97 -11.53
N TYR B 2 2.54 -18.11 -12.64
CA TYR B 2 2.27 -19.42 -13.19
C TYR B 2 2.68 -19.47 -14.63
N TRP B 3 3.21 -20.59 -15.10
CA TRP B 3 3.34 -20.82 -16.54
C TRP B 3 1.99 -21.24 -17.06
N GLY B 4 1.66 -20.81 -18.28
CA GLY B 4 0.55 -21.44 -18.97
C GLY B 4 0.92 -22.88 -19.33
N TYR B 5 -0.06 -23.78 -19.36
CA TYR B 5 0.15 -25.18 -19.76
C TYR B 5 0.94 -25.34 -21.06
N GLN B 6 0.45 -24.80 -22.18
CA GLN B 6 1.19 -24.88 -23.44
C GLN B 6 2.47 -24.06 -23.40
N GLU B 7 2.45 -22.94 -22.71
CA GLU B 7 3.61 -22.07 -22.52
C GLU B 7 4.76 -22.85 -21.84
N PHE B 8 4.44 -23.60 -20.79
CA PHE B 8 5.39 -24.45 -20.07
C PHE B 8 5.99 -25.50 -21.01
N LEU B 9 5.11 -26.15 -21.78
CA LEU B 9 5.54 -27.19 -22.72
C LEU B 9 6.39 -26.66 -23.85
N ASP B 10 6.07 -25.46 -24.33
CA ASP B 10 6.87 -24.79 -25.34
C ASP B 10 8.19 -24.31 -24.78
N GLU B 11 8.18 -23.89 -23.53
CA GLU B 11 9.38 -23.41 -22.90
C GLU B 11 10.36 -24.59 -22.67
N PHE B 12 9.82 -25.74 -22.30
CA PHE B 12 10.64 -26.90 -22.02
C PHE B 12 10.32 -28.08 -22.95
N PRO B 13 10.99 -28.15 -24.09
CA PRO B 13 10.80 -29.24 -25.04
C PRO B 13 10.88 -30.63 -24.40
N GLU B 14 11.75 -30.81 -23.40
CA GLU B 14 11.82 -32.09 -22.68
C GLU B 14 10.53 -32.42 -21.94
N GLN B 15 9.88 -31.38 -21.43
CA GLN B 15 8.60 -31.56 -20.74
C GLN B 15 7.45 -31.89 -21.69
N ARG B 16 7.45 -31.32 -22.89
CA ARG B 16 6.48 -31.73 -23.89
C ARG B 16 6.66 -33.19 -24.29
N ASN B 17 7.92 -33.58 -24.56
CA ASN B 17 8.26 -34.98 -24.82
C ASN B 17 7.65 -35.87 -23.77
N LEU B 18 7.87 -35.51 -22.51
CA LEU B 18 7.41 -36.34 -21.41
C LEU B 18 5.89 -36.39 -21.22
N THR B 19 5.24 -35.25 -21.47
CA THR B 19 3.78 -35.16 -21.36
C THR B 19 3.09 -35.97 -22.48
N ASN B 20 3.64 -35.89 -23.71
CA ASN B 20 3.18 -36.70 -24.83
C ASN B 20 3.28 -38.22 -24.59
N ALA B 21 4.38 -38.63 -23.96
CA ALA B 21 4.60 -40.03 -23.62
C ALA B 21 3.56 -40.50 -22.61
N LEU B 22 3.28 -39.68 -21.62
CA LEU B 22 2.25 -39.97 -20.63
C LEU B 22 0.84 -40.05 -21.22
N SER B 23 0.51 -39.14 -22.14
CA SER B 23 -0.81 -39.09 -22.79
C SER B 23 -1.05 -40.39 -23.52
N GLU B 24 -0.06 -40.80 -24.29
CA GLU B 24 -0.02 -42.11 -24.96
C GLU B 24 -0.16 -43.33 -24.05
N ALA B 25 0.51 -43.35 -22.91
CA ALA B 25 0.41 -44.48 -21.99
C ALA B 25 -1.01 -44.56 -21.42
N VAL B 26 -1.55 -43.39 -21.07
CA VAL B 26 -2.92 -43.24 -20.59
C VAL B 26 -3.93 -43.79 -21.61
N ARG B 27 -3.69 -43.51 -22.89
CA ARG B 27 -4.51 -43.96 -24.01
C ARG B 27 -4.47 -45.47 -24.24
N ALA B 28 -3.28 -46.06 -24.15
CA ALA B 28 -3.05 -47.46 -24.49
C ALA B 28 -3.33 -48.36 -23.28
N GLN B 29 -3.46 -49.67 -23.53
CA GLN B 29 -3.76 -50.68 -22.47
C GLN B 29 -2.69 -50.67 -21.39
N PRO B 30 -3.07 -50.99 -20.14
CA PRO B 30 -2.12 -50.97 -19.03
C PRO B 30 -0.94 -51.93 -19.24
N VAL B 31 0.26 -51.37 -19.26
CA VAL B 31 1.49 -52.17 -19.28
C VAL B 31 1.99 -52.24 -17.83
N PRO B 32 1.82 -53.41 -17.18
CA PRO B 32 2.10 -53.57 -15.74
C PRO B 32 3.54 -53.27 -15.32
N LEU B 33 3.72 -53.10 -14.00
CA LEU B 33 4.98 -52.60 -13.42
C LEU B 33 6.19 -53.53 -13.60
N SER B 34 7.26 -52.99 -14.18
CA SER B 34 8.52 -53.72 -14.42
C SER B 34 9.28 -54.03 -13.13
N LYS B 35 9.52 -53.02 -12.32
CA LYS B 35 10.23 -53.19 -11.05
C LYS B 35 9.27 -53.42 -9.89
N PRO B 36 9.13 -54.70 -9.44
CA PRO B 36 8.33 -54.92 -8.25
C PRO B 36 9.01 -54.30 -7.05
N THR B 37 8.21 -53.87 -6.08
CA THR B 37 8.74 -53.18 -4.91
C THR B 37 8.93 -54.10 -3.71
N GLN B 38 9.69 -53.60 -2.74
CA GLN B 38 9.95 -54.31 -1.52
C GLN B 38 8.75 -54.25 -0.56
N ARG B 39 8.12 -53.08 -0.48
CA ARG B 39 6.94 -52.87 0.36
C ARG B 39 5.71 -52.45 -0.48
N PRO B 40 4.51 -52.45 0.14
CA PRO B 40 3.43 -51.71 -0.50
C PRO B 40 3.68 -50.19 -0.37
N ILE B 41 3.60 -49.46 -1.49
CA ILE B 41 3.77 -48.00 -1.45
C ILE B 41 2.61 -47.28 -0.74
N LYS B 42 2.95 -46.26 0.02
CA LYS B 42 1.99 -45.52 0.84
C LYS B 42 1.57 -44.21 0.13
N ILE B 43 0.28 -44.04 -0.05
CA ILE B 43 -0.25 -42.83 -0.68
C ILE B 43 -1.31 -42.17 0.23
N SER B 44 -1.11 -40.89 0.54
CA SER B 44 -2.15 -40.07 1.18
C SER B 44 -2.81 -39.14 0.15
N VAL B 45 -4.13 -39.05 0.21
CA VAL B 45 -4.89 -38.16 -0.66
C VAL B 45 -5.69 -37.24 0.26
N VAL B 46 -5.63 -35.93 0.00
CA VAL B 46 -6.53 -34.97 0.66
C VAL B 46 -7.35 -34.18 -0.38
N TYR B 47 -8.64 -34.49 -0.44
CA TYR B 47 -9.55 -33.92 -1.45
C TYR B 47 -10.71 -33.15 -0.79
N PRO B 48 -11.33 -32.22 -1.55
CA PRO B 48 -12.50 -31.45 -1.11
C PRO B 48 -13.69 -32.25 -0.51
N GLY B 49 -14.40 -33.04 -1.31
CA GLY B 49 -15.53 -33.81 -0.75
C GLY B 49 -16.75 -33.03 -0.25
N GLN B 50 -17.89 -33.74 -0.19
CA GLN B 50 -19.18 -33.14 0.15
C GLN B 50 -19.65 -32.28 -1.02
N GLN B 51 -19.29 -32.70 -2.23
CA GLN B 51 -19.58 -31.91 -3.41
C GLN B 51 -20.60 -32.62 -4.27
N VAL B 52 -21.45 -31.82 -4.92
CA VAL B 52 -22.30 -32.30 -5.99
C VAL B 52 -21.44 -32.76 -7.16
N SER B 53 -20.34 -32.04 -7.45
CA SER B 53 -19.34 -32.48 -8.42
C SER B 53 -18.75 -33.82 -7.96
N ASP B 54 -18.64 -34.75 -8.90
CA ASP B 54 -18.18 -36.12 -8.65
C ASP B 54 -16.75 -36.27 -9.15
N TYR B 55 -16.11 -35.13 -9.46
CA TYR B 55 -14.78 -35.14 -10.03
C TYR B 55 -13.77 -35.88 -9.15
N TRP B 56 -13.75 -35.52 -7.87
CA TRP B 56 -12.77 -36.01 -6.91
C TRP B 56 -12.99 -37.48 -6.60
N VAL B 57 -14.25 -37.83 -6.31
CA VAL B 57 -14.66 -39.22 -6.08
C VAL B 57 -14.29 -40.11 -7.27
N ARG B 58 -14.78 -39.76 -8.46
CA ARG B 58 -14.46 -40.50 -9.67
C ARG B 58 -12.97 -40.56 -9.94
N ASN B 59 -12.24 -39.53 -9.50
CA ASN B 59 -10.80 -39.49 -9.76
C ASN B 59 -10.08 -40.58 -8.97
N ILE B 60 -10.55 -40.82 -7.75
CA ILE B 60 -9.97 -41.85 -6.90
C ILE B 60 -10.27 -43.25 -7.46
N ALA B 61 -11.50 -43.45 -7.89
CA ALA B 61 -11.92 -44.72 -8.50
C ALA B 61 -11.13 -45.02 -9.76
N SER B 62 -10.90 -44.00 -10.58
CA SER B 62 -10.10 -44.14 -11.78
C SER B 62 -8.61 -44.44 -11.48
N PHE B 63 -8.15 -43.90 -10.36
CA PHE B 63 -6.76 -43.98 -9.96
C PHE B 63 -6.43 -45.40 -9.44
N GLU B 64 -7.20 -45.83 -8.43
CA GLU B 64 -7.14 -47.16 -7.83
C GLU B 64 -7.27 -48.30 -8.87
N LYS B 65 -8.28 -48.22 -9.73
CA LYS B 65 -8.43 -49.21 -10.81
C LYS B 65 -7.23 -49.31 -11.75
N ARG B 66 -6.59 -48.19 -12.08
CA ARG B 66 -5.41 -48.26 -12.95
C ARG B 66 -4.20 -48.75 -12.17
N LEU B 67 -4.15 -48.43 -10.89
CA LEU B 67 -3.11 -48.95 -10.01
C LEU B 67 -3.22 -50.49 -9.91
N TYR B 68 -4.44 -50.99 -9.70
CA TYR B 68 -4.71 -52.43 -9.66
C TYR B 68 -4.27 -53.12 -10.95
N LYS B 69 -4.64 -52.54 -12.10
CA LYS B 69 -4.32 -53.06 -13.42
C LYS B 69 -2.82 -53.05 -13.79
N LEU B 70 -2.05 -52.18 -13.15
CA LEU B 70 -0.60 -52.12 -13.41
C LEU B 70 0.15 -53.00 -12.42
N ASN B 71 -0.59 -53.63 -11.52
CA ASN B 71 -0.02 -54.46 -10.46
C ASN B 71 0.89 -53.70 -9.48
N ILE B 72 0.40 -52.57 -9.00
CA ILE B 72 1.08 -51.78 -8.00
C ILE B 72 0.53 -52.19 -6.64
N ASN B 73 1.43 -52.39 -5.67
CA ASN B 73 1.00 -52.68 -4.32
C ASN B 73 0.98 -51.39 -3.49
N TYR B 74 -0.22 -50.92 -3.16
CA TYR B 74 -0.41 -49.65 -2.47
C TYR B 74 -1.25 -49.74 -1.22
N GLN B 75 -0.96 -48.86 -0.25
CA GLN B 75 -1.87 -48.55 0.85
C GLN B 75 -2.34 -47.12 0.60
N LEU B 76 -3.59 -46.98 0.17
CA LEU B 76 -4.20 -45.67 -0.06
C LEU B 76 -5.02 -45.27 1.14
N ASN B 77 -4.69 -44.13 1.75
CA ASN B 77 -5.56 -43.59 2.78
C ASN B 77 -6.07 -42.18 2.38
N GLN B 78 -7.37 -41.94 2.53
CA GLN B 78 -7.96 -40.73 2.00
C GLN B 78 -8.67 -39.88 3.05
N VAL B 79 -8.66 -38.57 2.83
CA VAL B 79 -9.44 -37.63 3.63
C VAL B 79 -10.19 -36.69 2.68
N PHE B 80 -11.49 -36.52 2.94
CA PHE B 80 -12.30 -35.49 2.30
C PHE B 80 -12.58 -34.40 3.33
N THR B 81 -12.59 -33.14 2.88
CA THR B 81 -12.62 -31.98 3.79
C THR B 81 -13.99 -31.25 3.82
N ARG B 82 -14.51 -31.01 5.02
CA ARG B 82 -15.84 -30.38 5.20
C ARG B 82 -15.94 -28.98 4.62
N SER B 93 -7.39 -31.15 8.84
CA SER B 93 -5.97 -30.98 9.19
C SER B 93 -5.04 -31.55 8.13
N LEU B 94 -4.18 -30.69 7.60
CA LEU B 94 -3.07 -31.10 6.73
C LEU B 94 -1.90 -31.55 7.59
N MET B 95 -1.94 -31.14 8.86
CA MET B 95 -0.95 -31.55 9.87
C MET B 95 -1.05 -33.07 10.09
N GLU B 96 -2.29 -33.54 10.24
CA GLU B 96 -2.61 -34.95 10.43
C GLU B 96 -2.19 -35.83 9.25
N ALA B 97 -2.02 -35.20 8.09
CA ALA B 97 -1.60 -35.89 6.87
C ALA B 97 -0.08 -36.00 6.76
N LEU B 98 0.61 -34.97 7.27
CA LEU B 98 2.07 -34.87 7.26
C LEU B 98 2.76 -36.04 7.96
N LYS B 99 2.22 -36.40 9.12
CA LYS B 99 2.83 -37.38 10.02
C LYS B 99 2.97 -38.75 9.36
N SER B 100 1.98 -39.12 8.55
CA SER B 100 1.87 -40.49 8.05
C SER B 100 3.00 -40.95 7.13
N LYS B 101 4.00 -40.08 6.93
CA LYS B 101 5.20 -40.40 6.13
C LYS B 101 4.92 -41.24 4.87
N SER B 102 4.13 -40.65 3.95
CA SER B 102 3.73 -41.31 2.73
C SER B 102 4.74 -41.13 1.59
N ASP B 103 4.67 -42.00 0.58
CA ASP B 103 5.57 -41.97 -0.56
C ASP B 103 5.09 -40.99 -1.64
N TYR B 104 3.77 -40.79 -1.68
CA TYR B 104 3.14 -39.83 -2.60
C TYR B 104 2.00 -39.15 -1.88
N LEU B 105 2.05 -37.83 -1.81
CA LEU B 105 0.93 -37.05 -1.26
C LEU B 105 0.17 -36.42 -2.43
N ILE B 106 -1.13 -36.65 -2.47
CA ILE B 106 -1.99 -36.06 -3.47
C ILE B 106 -2.87 -35.02 -2.81
N PHE B 107 -2.75 -33.79 -3.30
CA PHE B 107 -3.38 -32.64 -2.70
C PHE B 107 -3.88 -31.76 -3.84
N THR B 108 -4.24 -30.52 -3.52
CA THR B 108 -4.65 -29.54 -4.50
C THR B 108 -4.04 -28.13 -4.17
N LEU B 109 -4.20 -27.17 -5.09
CA LEU B 109 -3.71 -25.81 -4.88
C LEU B 109 -4.64 -24.78 -5.51
N ASP B 110 -5.36 -24.04 -4.66
CA ASP B 110 -6.31 -23.01 -5.09
C ASP B 110 -6.14 -21.73 -4.27
N THR B 111 -5.96 -21.89 -2.96
CA THR B 111 -5.88 -20.79 -2.00
C THR B 111 -4.41 -20.50 -1.65
N THR B 112 -4.14 -19.36 -1.01
CA THR B 112 -2.79 -19.07 -0.53
C THR B 112 -2.45 -19.97 0.67
N ARG B 113 -3.50 -20.54 1.28
CA ARG B 113 -3.39 -21.50 2.37
C ARG B 113 -2.81 -22.84 1.88
N HIS B 114 -3.27 -23.30 0.71
CA HIS B 114 -2.63 -24.41 0.02
C HIS B 114 -1.16 -24.13 -0.37
N ARG B 115 -0.88 -22.93 -0.92
CA ARG B 115 0.52 -22.51 -1.22
C ARG B 115 1.46 -22.69 -0.05
N LYS B 116 1.07 -22.12 1.09
CA LYS B 116 1.83 -22.14 2.34
C LYS B 116 2.26 -23.58 2.73
N PHE B 117 1.30 -24.49 2.61
CA PHE B 117 1.53 -25.90 2.89
C PHE B 117 2.43 -26.56 1.86
N VAL B 118 2.13 -26.35 0.57
CA VAL B 118 2.89 -27.00 -0.51
C VAL B 118 4.36 -26.63 -0.46
N GLU B 119 4.63 -25.35 -0.18
CA GLU B 119 5.98 -24.84 -0.05
C GLU B 119 6.69 -25.55 1.09
N HIS B 120 5.99 -25.71 2.21
CA HIS B 120 6.50 -26.42 3.36
C HIS B 120 6.75 -27.89 3.05
N VAL B 121 5.82 -28.53 2.35
CA VAL B 121 6.00 -29.91 1.90
C VAL B 121 7.17 -30.07 0.92
N LEU B 122 7.33 -29.13 -0.01
CA LEU B 122 8.45 -29.14 -0.96
C LEU B 122 9.82 -28.86 -0.32
N ASP B 123 9.85 -27.95 0.66
CA ASP B 123 11.09 -27.50 1.28
C ASP B 123 11.57 -28.35 2.47
N SER B 124 10.65 -29.01 3.17
CA SER B 124 11.00 -29.72 4.39
C SER B 124 10.50 -31.17 4.50
N THR B 125 10.32 -31.84 3.36
CA THR B 125 9.99 -33.27 3.37
C THR B 125 10.58 -33.98 2.17
N ASN B 126 10.33 -35.30 2.15
CA ASN B 126 10.78 -36.19 1.08
C ASN B 126 9.61 -36.68 0.22
N THR B 127 8.39 -36.44 0.71
CA THR B 127 7.17 -36.90 0.05
C THR B 127 7.01 -36.34 -1.37
N LYS B 128 6.86 -37.23 -2.35
CA LYS B 128 6.51 -36.85 -3.71
C LYS B 128 5.06 -36.35 -3.81
N LEU B 129 4.94 -35.11 -4.26
CA LEU B 129 3.69 -34.38 -4.19
C LEU B 129 3.02 -34.35 -5.55
N ILE B 130 1.77 -34.79 -5.57
CA ILE B 130 0.93 -34.62 -6.75
C ILE B 130 -0.17 -33.57 -6.48
N LEU B 131 -0.20 -32.55 -7.33
CA LEU B 131 -1.19 -31.48 -7.25
C LEU B 131 -2.28 -31.67 -8.29
N GLN B 132 -3.47 -31.96 -7.78
CA GLN B 132 -4.65 -32.25 -8.58
C GLN B 132 -5.39 -30.94 -8.86
N ASN B 133 -5.99 -30.85 -10.06
CA ASN B 133 -6.81 -29.70 -10.47
C ASN B 133 -5.99 -28.39 -10.67
N ILE B 134 -4.73 -28.56 -11.09
CA ILE B 134 -3.91 -27.46 -11.54
C ILE B 134 -2.96 -28.01 -12.57
N THR B 135 -2.89 -27.38 -13.74
CA THR B 135 -1.97 -27.75 -14.79
C THR B 135 -1.01 -26.62 -15.23
N THR B 136 -0.75 -25.65 -14.35
CA THR B 136 0.05 -24.44 -14.64
C THR B 136 1.17 -24.33 -13.58
N PRO B 137 2.36 -24.85 -13.90
CA PRO B 137 3.50 -24.85 -12.98
C PRO B 137 3.88 -23.48 -12.40
N VAL B 138 4.14 -23.46 -11.10
CA VAL B 138 4.56 -22.23 -10.43
C VAL B 138 5.97 -21.84 -10.90
N ARG B 139 6.12 -20.62 -11.42
CA ARG B 139 7.42 -20.15 -11.96
C ARG B 139 8.55 -20.10 -10.93
N GLU B 140 8.23 -19.75 -9.69
CA GLU B 140 9.22 -19.57 -8.61
C GLU B 140 9.76 -20.92 -8.12
N TRP B 141 9.17 -22.02 -8.58
CA TRP B 141 9.57 -23.35 -8.16
C TRP B 141 10.31 -24.08 -9.25
N ASP B 142 10.82 -23.35 -10.24
CA ASP B 142 11.54 -24.00 -11.35
C ASP B 142 12.76 -24.85 -10.88
N LYS B 143 13.32 -24.51 -9.70
CA LYS B 143 14.35 -25.35 -9.03
C LYS B 143 13.83 -26.69 -8.50
N HIS B 144 12.70 -26.67 -7.79
CA HIS B 144 12.13 -27.88 -7.23
C HIS B 144 10.62 -27.94 -7.44
N GLN B 145 10.22 -28.38 -8.63
CA GLN B 145 8.82 -28.54 -8.97
C GLN B 145 8.24 -29.80 -8.32
N PRO B 146 6.95 -29.76 -7.91
CA PRO B 146 6.18 -30.96 -7.54
C PRO B 146 6.36 -32.10 -8.53
N PHE B 147 6.18 -33.32 -8.02
CA PHE B 147 6.28 -34.54 -8.84
C PHE B 147 5.33 -34.51 -10.05
N LEU B 148 4.13 -33.99 -9.84
CA LEU B 148 3.12 -33.89 -10.91
C LEU B 148 2.01 -32.89 -10.60
N TYR B 149 1.77 -32.02 -11.56
CA TYR B 149 0.57 -31.21 -11.63
C TYR B 149 -0.35 -31.94 -12.61
N VAL B 150 -1.54 -32.26 -12.16
CA VAL B 150 -2.48 -33.03 -12.99
C VAL B 150 -3.89 -32.45 -12.90
N GLY B 151 -4.56 -32.31 -14.04
CA GLY B 151 -5.93 -31.83 -14.02
C GLY B 151 -6.41 -31.64 -15.43
N PHE B 152 -7.51 -30.92 -15.58
CA PHE B 152 -7.99 -30.54 -16.89
C PHE B 152 -7.86 -29.02 -16.96
N ASP B 153 -7.04 -28.54 -17.88
CA ASP B 153 -6.57 -27.16 -17.84
C ASP B 153 -7.72 -26.15 -17.77
N HIS B 154 -7.77 -25.37 -16.70
CA HIS B 154 -8.88 -24.46 -16.47
C HIS B 154 -9.07 -23.43 -17.56
N ALA B 155 -7.96 -22.84 -17.99
CA ALA B 155 -7.97 -21.84 -19.04
C ALA B 155 -8.44 -22.40 -20.39
N GLU B 156 -8.04 -23.61 -20.72
CA GLU B 156 -8.45 -24.23 -21.97
C GLU B 156 -9.97 -24.48 -21.99
N GLY B 157 -10.49 -25.04 -20.91
CA GLY B 157 -11.92 -25.26 -20.75
C GLY B 157 -12.74 -23.97 -20.83
N SER B 158 -12.24 -22.90 -20.20
CA SER B 158 -12.90 -21.60 -20.24
C SER B 158 -12.85 -20.96 -21.61
N ARG B 159 -11.73 -21.10 -22.31
CA ARG B 159 -11.65 -20.59 -23.66
C ARG B 159 -12.65 -21.29 -24.57
N GLU B 160 -12.83 -22.60 -24.38
CA GLU B 160 -13.80 -23.38 -25.17
C GLU B 160 -15.25 -22.91 -24.94
N LEU B 161 -15.63 -22.74 -23.67
CA LEU B 161 -16.91 -22.15 -23.29
C LEU B 161 -17.07 -20.74 -23.85
N ALA B 162 -16.01 -19.94 -23.77
CA ALA B 162 -16.00 -18.60 -24.37
C ALA B 162 -16.22 -18.63 -25.88
N THR B 163 -15.60 -19.59 -26.57
CA THR B 163 -15.72 -19.64 -28.04
C THR B 163 -17.18 -19.95 -28.41
N GLU B 164 -17.81 -20.82 -27.63
CA GLU B 164 -19.20 -21.20 -27.86
C GLU B 164 -20.16 -20.05 -27.61
N PHE B 165 -20.23 -19.53 -26.38
CA PHE B 165 -20.95 -18.27 -26.10
C PHE B 165 -20.75 -17.19 -27.18
N GLY B 166 -19.51 -16.96 -27.58
CA GLY B 166 -19.19 -16.03 -28.70
C GLY B 166 -19.92 -16.32 -30.02
N LYS B 167 -20.36 -17.56 -30.19
CA LYS B 167 -21.17 -17.99 -31.34
C LYS B 167 -22.67 -17.77 -31.14
N PHE B 168 -23.15 -18.06 -29.93
CA PHE B 168 -24.60 -18.00 -29.66
C PHE B 168 -25.15 -16.57 -29.53
N PHE B 169 -24.29 -15.61 -29.17
CA PHE B 169 -24.72 -14.24 -28.90
C PHE B 169 -23.95 -13.23 -29.74
N PRO B 170 -24.64 -12.16 -30.18
CA PRO B 170 -24.03 -11.08 -30.98
C PRO B 170 -23.18 -10.18 -30.09
N LYS B 171 -22.34 -9.34 -30.70
CA LYS B 171 -21.51 -8.46 -29.91
C LYS B 171 -22.28 -7.53 -28.96
N HIS B 172 -21.65 -7.21 -27.82
CA HIS B 172 -22.21 -6.27 -26.83
C HIS B 172 -23.27 -6.91 -25.98
N THR B 173 -23.41 -8.23 -26.10
CA THR B 173 -24.31 -8.99 -25.23
C THR B 173 -23.96 -8.85 -23.76
N TYR B 174 -24.99 -8.83 -22.91
CA TYR B 174 -24.85 -8.66 -21.47
C TYR B 174 -24.79 -9.98 -20.74
N TYR B 175 -23.90 -10.06 -19.76
CA TYR B 175 -23.74 -11.28 -18.97
C TYR B 175 -23.23 -10.95 -17.58
N SER B 176 -23.41 -11.92 -16.68
CA SER B 176 -22.87 -11.90 -15.34
C SER B 176 -22.03 -13.15 -15.12
N VAL B 177 -21.28 -13.13 -14.03
CA VAL B 177 -20.32 -14.17 -13.75
C VAL B 177 -20.50 -14.57 -12.29
N LEU B 178 -20.59 -15.88 -12.05
CA LEU B 178 -20.54 -16.39 -10.70
C LEU B 178 -19.22 -17.11 -10.58
N TYR B 179 -18.34 -16.53 -9.80
CA TYR B 179 -17.01 -17.07 -9.61
C TYR B 179 -17.07 -18.26 -8.66
N PHE B 180 -15.97 -18.96 -8.51
CA PHE B 180 -15.76 -19.86 -7.42
C PHE B 180 -15.56 -19.00 -6.16
N SER B 181 -14.99 -19.58 -5.12
CA SER B 181 -14.45 -18.75 -4.04
C SER B 181 -13.20 -18.04 -4.58
N GLU B 182 -12.72 -17.04 -3.85
CA GLU B 182 -11.54 -16.28 -4.26
C GLU B 182 -10.29 -17.16 -4.32
N GLY B 183 -9.49 -16.99 -5.36
CA GLY B 183 -8.28 -17.81 -5.48
C GLY B 183 -8.02 -18.22 -6.91
N TYR B 184 -7.22 -19.27 -7.07
CA TYR B 184 -6.70 -19.67 -8.37
C TYR B 184 -7.80 -20.09 -9.35
N ILE B 185 -8.76 -20.92 -8.91
CA ILE B 185 -9.84 -21.41 -9.79
C ILE B 185 -10.63 -20.21 -10.37
N SER B 186 -10.99 -19.26 -9.53
CA SER B 186 -11.71 -18.06 -10.01
C SER B 186 -10.94 -17.29 -11.06
N ASP B 187 -9.63 -17.13 -10.84
CA ASP B 187 -8.77 -16.44 -11.80
C ASP B 187 -8.69 -17.17 -13.14
N VAL B 188 -8.35 -18.45 -13.13
CA VAL B 188 -8.15 -19.15 -14.39
C VAL B 188 -9.42 -19.60 -15.13
N ARG B 189 -10.53 -19.81 -14.39
CA ARG B 189 -11.82 -20.06 -15.08
C ARG B 189 -12.57 -18.76 -15.39
N GLY B 190 -12.75 -17.91 -14.38
CA GLY B 190 -13.57 -16.72 -14.52
C GLY B 190 -12.95 -15.61 -15.34
N ASP B 191 -11.80 -15.12 -14.87
CA ASP B 191 -11.10 -14.01 -15.55
C ASP B 191 -10.61 -14.38 -16.96
N THR B 192 -10.27 -15.65 -17.17
CA THR B 192 -9.99 -16.10 -18.54
C THR B 192 -11.20 -15.92 -19.48
N PHE B 193 -12.38 -16.25 -18.97
CA PHE B 193 -13.59 -16.21 -19.79
C PHE B 193 -13.95 -14.78 -20.05
N ILE B 194 -13.92 -13.99 -18.98
CA ILE B 194 -14.22 -12.56 -19.04
C ILE B 194 -13.37 -11.86 -20.07
N HIS B 195 -12.05 -12.11 -20.02
CA HIS B 195 -11.10 -11.43 -20.89
C HIS B 195 -11.32 -11.79 -22.36
N GLN B 196 -11.52 -13.07 -22.66
CA GLN B 196 -11.70 -13.50 -24.06
C GLN B 196 -12.96 -12.96 -24.70
N VAL B 197 -14.06 -13.12 -23.99
CA VAL B 197 -15.37 -12.74 -24.46
C VAL B 197 -15.43 -11.21 -24.64
N ASN B 198 -14.73 -10.47 -23.77
CA ASN B 198 -14.62 -9.03 -23.88
C ASN B 198 -13.76 -8.64 -25.08
N ARG B 199 -12.57 -9.24 -25.17
CA ARG B 199 -11.63 -8.98 -26.27
C ARG B 199 -12.24 -9.32 -27.62
N ASP B 200 -12.78 -10.54 -27.72
CA ASP B 200 -13.16 -11.11 -29.00
C ASP B 200 -14.55 -10.74 -29.47
N ASN B 201 -15.47 -10.60 -28.53
CA ASN B 201 -16.89 -10.51 -28.86
C ASN B 201 -17.54 -9.21 -28.42
N ASN B 202 -16.73 -8.34 -27.81
CA ASN B 202 -17.20 -7.14 -27.19
C ASN B 202 -18.40 -7.34 -26.27
N PHE B 203 -18.43 -8.48 -25.56
CA PHE B 203 -19.47 -8.72 -24.56
C PHE B 203 -19.23 -7.77 -23.40
N GLU B 204 -20.31 -7.43 -22.72
CA GLU B 204 -20.28 -6.44 -21.64
C GLU B 204 -20.73 -7.07 -20.34
N LEU B 205 -19.81 -7.05 -19.37
CA LEU B 205 -20.04 -7.65 -18.07
C LEU B 205 -20.85 -6.73 -17.19
N GLN B 206 -21.95 -7.24 -16.64
CA GLN B 206 -22.86 -6.43 -15.83
C GLN B 206 -22.50 -6.54 -14.38
N SER B 207 -22.07 -7.73 -13.96
CA SER B 207 -21.82 -8.00 -12.59
C SER B 207 -21.04 -9.31 -12.43
N ALA B 208 -20.36 -9.46 -11.29
CA ALA B 208 -19.60 -10.67 -10.97
C ALA B 208 -19.68 -10.85 -9.49
N TYR B 209 -19.71 -12.10 -9.03
CA TYR B 209 -19.86 -12.41 -7.63
C TYR B 209 -18.94 -13.54 -7.29
N TYR B 210 -18.16 -13.41 -6.22
CA TYR B 210 -17.45 -14.55 -5.64
C TYR B 210 -18.47 -15.32 -4.84
N THR B 211 -18.28 -16.63 -4.77
CA THR B 211 -19.22 -17.47 -4.01
C THR B 211 -18.45 -18.21 -2.94
N LYS B 212 -19.14 -19.06 -2.20
CA LYS B 212 -18.52 -19.90 -1.18
C LYS B 212 -18.29 -21.31 -1.73
N ALA B 213 -18.35 -21.44 -3.06
CA ALA B 213 -18.09 -22.70 -3.74
C ALA B 213 -19.09 -23.84 -3.42
N THR B 214 -20.31 -23.48 -2.99
CA THR B 214 -21.39 -24.45 -2.74
C THR B 214 -22.59 -24.18 -3.62
N LYS B 215 -23.47 -25.17 -3.70
CA LYS B 215 -24.77 -25.03 -4.39
C LYS B 215 -25.60 -23.90 -3.73
N GLN B 216 -25.70 -23.92 -2.40
CA GLN B 216 -26.35 -22.84 -1.64
C GLN B 216 -25.86 -21.45 -2.10
N SER B 217 -24.55 -21.18 -2.01
CA SER B 217 -24.00 -19.86 -2.35
C SER B 217 -24.15 -19.55 -3.82
N GLY B 218 -24.16 -20.59 -4.66
CA GLY B 218 -24.43 -20.43 -6.08
C GLY B 218 -25.82 -19.90 -6.30
N TYR B 219 -26.76 -20.44 -5.52
CA TYR B 219 -28.16 -20.03 -5.52
C TYR B 219 -28.27 -18.57 -5.07
N ASP B 220 -27.75 -18.29 -3.87
CA ASP B 220 -27.78 -16.97 -3.24
C ASP B 220 -27.17 -15.87 -4.14
N ALA B 221 -26.05 -16.19 -4.77
CA ALA B 221 -25.34 -15.21 -5.57
C ALA B 221 -26.13 -14.82 -6.81
N ALA B 222 -26.69 -15.81 -7.50
CA ALA B 222 -27.56 -15.60 -8.67
C ALA B 222 -28.79 -14.73 -8.33
N LYS B 223 -29.47 -15.02 -7.22
CA LYS B 223 -30.59 -14.18 -6.73
C LYS B 223 -30.14 -12.74 -6.53
N ALA B 224 -29.10 -12.57 -5.71
CA ALA B 224 -28.46 -11.27 -5.47
C ALA B 224 -28.08 -10.58 -6.78
N SER B 225 -27.46 -11.33 -7.67
CA SER B 225 -27.07 -10.80 -8.98
C SER B 225 -28.27 -10.32 -9.81
N LEU B 226 -29.25 -11.18 -9.98
CA LEU B 226 -30.44 -10.86 -10.76
C LEU B 226 -31.37 -9.80 -10.16
N ALA B 227 -31.41 -9.73 -8.83
CA ALA B 227 -32.12 -8.65 -8.11
C ALA B 227 -31.50 -7.28 -8.34
N LYS B 228 -30.22 -7.25 -8.74
CA LYS B 228 -29.49 -6.01 -8.93
C LYS B 228 -29.20 -5.73 -10.40
N HIS B 229 -29.07 -6.79 -11.20
CA HIS B 229 -28.80 -6.65 -12.62
C HIS B 229 -29.60 -7.63 -13.46
N PRO B 230 -30.95 -7.48 -13.47
CA PRO B 230 -31.88 -8.45 -14.10
C PRO B 230 -31.62 -8.61 -15.59
N ASP B 231 -30.88 -7.68 -16.18
CA ASP B 231 -30.78 -7.61 -17.64
C ASP B 231 -29.49 -8.22 -18.23
N VAL B 232 -29.45 -9.55 -18.23
CA VAL B 232 -28.35 -10.30 -18.79
C VAL B 232 -28.94 -11.39 -19.71
N ASP B 233 -28.16 -11.84 -20.68
CA ASP B 233 -28.60 -12.86 -21.62
C ASP B 233 -28.03 -14.19 -21.19
N PHE B 234 -26.91 -14.14 -20.48
CA PHE B 234 -26.34 -15.35 -19.90
C PHE B 234 -25.61 -15.09 -18.59
N ILE B 235 -25.50 -16.16 -17.80
CA ILE B 235 -24.65 -16.21 -16.66
C ILE B 235 -23.57 -17.27 -16.90
N TYR B 236 -22.31 -16.86 -16.69
CA TYR B 236 -21.19 -17.82 -16.73
C TYR B 236 -20.88 -18.23 -15.28
N ALA B 237 -20.96 -19.53 -15.01
CA ALA B 237 -20.62 -20.08 -13.71
C ALA B 237 -19.26 -20.79 -13.81
N CYS B 238 -18.48 -20.74 -12.72
CA CYS B 238 -17.10 -21.24 -12.72
C CYS B 238 -16.91 -22.63 -12.15
N SER B 239 -17.96 -23.20 -11.56
CA SER B 239 -17.89 -24.58 -11.08
C SER B 239 -19.25 -25.27 -11.12
N THR B 240 -19.24 -26.60 -10.92
CA THR B 240 -20.43 -27.45 -11.01
C THR B 240 -21.50 -27.06 -9.98
N ASP B 241 -21.14 -27.01 -8.70
CA ASP B 241 -22.13 -26.76 -7.63
C ASP B 241 -22.74 -25.36 -7.73
N VAL B 242 -21.90 -24.39 -8.04
CA VAL B 242 -22.35 -23.02 -8.26
C VAL B 242 -23.31 -22.96 -9.44
N ALA B 243 -22.99 -23.64 -10.53
CA ALA B 243 -23.89 -23.66 -11.68
C ALA B 243 -25.30 -24.20 -11.32
N LEU B 244 -25.36 -25.27 -10.53
CA LEU B 244 -26.61 -25.97 -10.22
C LEU B 244 -27.47 -25.19 -9.21
N GLY B 245 -26.81 -24.50 -8.28
CA GLY B 245 -27.48 -23.52 -7.41
C GLY B 245 -28.15 -22.43 -8.23
N ALA B 246 -27.42 -21.87 -9.18
CA ALA B 246 -27.92 -20.83 -10.08
C ALA B 246 -29.08 -21.31 -10.96
N VAL B 247 -29.11 -22.62 -11.26
CA VAL B 247 -30.20 -23.21 -12.04
C VAL B 247 -31.51 -23.09 -11.25
N ASP B 248 -31.49 -23.49 -9.98
CA ASP B 248 -32.63 -23.28 -9.06
C ASP B 248 -33.08 -21.83 -9.00
N ALA B 249 -32.16 -20.91 -8.72
CA ALA B 249 -32.50 -19.49 -8.65
C ALA B 249 -33.16 -19.00 -9.92
N LEU B 250 -32.71 -19.49 -11.08
CA LEU B 250 -33.33 -19.11 -12.36
C LEU B 250 -34.74 -19.67 -12.52
N ALA B 251 -34.96 -20.89 -12.02
CA ALA B 251 -36.28 -21.51 -12.04
C ALA B 251 -37.20 -20.66 -11.18
N GLU B 252 -36.79 -20.45 -9.93
CA GLU B 252 -37.56 -19.68 -8.98
C GLU B 252 -37.98 -18.30 -9.50
N LEU B 253 -37.04 -17.58 -10.11
CA LEU B 253 -37.34 -16.26 -10.64
C LEU B 253 -37.95 -16.32 -12.04
N GLY B 254 -38.11 -17.54 -12.57
CA GLY B 254 -38.65 -17.73 -13.91
C GLY B 254 -37.84 -17.01 -14.97
N ARG B 255 -36.52 -17.17 -14.95
CA ARG B 255 -35.66 -16.56 -15.96
C ARG B 255 -34.88 -17.60 -16.77
N GLU B 256 -35.57 -18.60 -17.31
CA GLU B 256 -34.91 -19.54 -18.22
C GLU B 256 -34.68 -18.93 -19.63
N ASP B 257 -35.08 -17.68 -19.82
CA ASP B 257 -34.55 -16.91 -20.94
C ASP B 257 -33.01 -16.70 -20.81
N ILE B 258 -32.49 -16.85 -19.59
CA ILE B 258 -31.06 -16.72 -19.32
C ILE B 258 -30.32 -18.05 -19.52
N MET B 259 -29.41 -18.05 -20.48
CA MET B 259 -28.55 -19.20 -20.74
C MET B 259 -27.50 -19.33 -19.61
N ILE B 260 -27.16 -20.57 -19.25
CA ILE B 260 -26.15 -20.86 -18.22
C ILE B 260 -25.35 -22.13 -18.52
N ASN B 261 -24.10 -22.15 -18.07
CA ASN B 261 -23.18 -23.23 -18.36
C ASN B 261 -22.86 -24.06 -17.15
N GLY B 262 -22.46 -25.30 -17.37
CA GLY B 262 -21.81 -26.09 -16.30
C GLY B 262 -20.32 -26.02 -16.53
N TRP B 263 -19.54 -26.55 -15.60
CA TRP B 263 -18.07 -26.57 -15.72
C TRP B 263 -17.52 -27.91 -15.21
N GLY B 264 -17.28 -28.82 -16.14
CA GLY B 264 -16.71 -30.15 -15.82
C GLY B 264 -17.39 -31.35 -16.48
N GLY B 265 -18.71 -31.29 -16.61
CA GLY B 265 -19.50 -32.33 -17.27
C GLY B 265 -19.49 -33.67 -16.54
N GLY B 266 -19.61 -33.64 -15.21
CA GLY B 266 -19.88 -34.86 -14.43
C GLY B 266 -21.35 -35.30 -14.57
N SER B 267 -21.69 -36.36 -13.86
CA SER B 267 -23.03 -36.99 -13.98
C SER B 267 -24.14 -36.00 -13.69
N ALA B 268 -24.06 -35.30 -12.57
CA ALA B 268 -25.10 -34.36 -12.18
C ALA B 268 -25.29 -33.25 -13.21
N GLU B 269 -24.18 -32.78 -13.78
CA GLU B 269 -24.24 -31.81 -14.88
C GLU B 269 -24.90 -32.43 -16.11
N LEU B 270 -24.58 -33.68 -16.40
CA LEU B 270 -25.14 -34.33 -17.60
C LEU B 270 -26.67 -34.53 -17.54
N ASP B 271 -27.17 -34.97 -16.37
CA ASP B 271 -28.60 -35.01 -16.06
C ASP B 271 -29.27 -33.65 -16.24
N ALA B 272 -28.67 -32.59 -15.67
CA ALA B 272 -29.16 -31.21 -15.85
C ALA B 272 -29.09 -30.76 -17.32
N ILE B 273 -28.06 -31.16 -18.03
CA ILE B 273 -27.99 -30.84 -19.47
C ILE B 273 -29.19 -31.45 -20.22
N GLN B 274 -29.49 -32.70 -19.87
CA GLN B 274 -30.52 -33.48 -20.55
C GLN B 274 -31.91 -32.95 -20.24
N LYS B 275 -32.08 -32.27 -19.10
CA LYS B 275 -33.31 -31.56 -18.73
C LYS B 275 -33.41 -30.16 -19.32
N GLY B 276 -32.29 -29.65 -19.83
CA GLY B 276 -32.22 -28.30 -20.39
C GLY B 276 -32.13 -27.24 -19.31
N ASP B 277 -31.88 -27.70 -18.08
CA ASP B 277 -31.53 -26.83 -16.95
C ASP B 277 -30.16 -26.14 -17.16
N LEU B 278 -29.20 -26.90 -17.67
CA LEU B 278 -27.95 -26.34 -18.16
C LEU B 278 -28.02 -26.35 -19.67
N ASP B 279 -27.56 -25.27 -20.29
CA ASP B 279 -27.54 -25.14 -21.74
C ASP B 279 -26.32 -25.76 -22.39
N ILE B 280 -25.18 -25.58 -21.73
CA ILE B 280 -23.87 -25.97 -22.24
C ILE B 280 -22.97 -26.33 -21.06
N THR B 281 -22.00 -27.20 -21.31
CA THR B 281 -20.94 -27.46 -20.35
C THR B 281 -19.68 -27.78 -21.09
N VAL B 282 -18.56 -27.75 -20.37
CA VAL B 282 -17.30 -28.17 -20.94
C VAL B 282 -17.04 -29.49 -20.24
N MET B 283 -17.01 -30.56 -21.02
CA MET B 283 -17.00 -31.87 -20.41
C MET B 283 -15.60 -32.41 -20.46
N ARG B 284 -15.10 -32.80 -19.30
CA ARG B 284 -13.77 -33.34 -19.29
C ARG B 284 -13.76 -34.87 -19.37
N MET B 285 -12.82 -35.39 -20.16
CA MET B 285 -12.64 -36.83 -20.31
C MET B 285 -12.13 -37.45 -19.00
N ASN B 286 -13.02 -37.40 -18.01
CA ASN B 286 -12.73 -37.44 -16.56
C ASN B 286 -11.62 -38.36 -16.08
N ASP B 287 -11.69 -39.62 -16.50
CA ASP B 287 -10.88 -40.70 -15.93
C ASP B 287 -9.39 -40.64 -16.30
N ASP B 288 -9.07 -39.97 -17.41
CA ASP B 288 -7.67 -39.79 -17.88
C ASP B 288 -6.66 -39.28 -16.83
N THR B 289 -7.12 -38.44 -15.90
CA THR B 289 -6.22 -37.87 -14.90
C THR B 289 -6.02 -38.77 -13.69
N GLY B 290 -6.98 -39.65 -13.45
CA GLY B 290 -6.81 -40.74 -12.48
C GLY B 290 -5.80 -41.73 -13.03
N ILE B 291 -5.93 -42.02 -14.33
CA ILE B 291 -5.06 -42.95 -15.03
C ILE B 291 -3.65 -42.39 -15.19
N ALA B 292 -3.55 -41.08 -15.41
CA ALA B 292 -2.25 -40.41 -15.53
C ALA B 292 -1.40 -40.51 -14.26
N MET B 293 -2.05 -40.35 -13.12
CA MET B 293 -1.39 -40.40 -11.81
C MET B 293 -0.86 -41.80 -11.50
N ALA B 294 -1.61 -42.84 -11.90
CA ALA B 294 -1.14 -44.22 -11.78
C ALA B 294 0.07 -44.48 -12.69
N GLU B 295 -0.02 -44.03 -13.94
CA GLU B 295 1.07 -44.23 -14.89
C GLU B 295 2.31 -43.47 -14.46
N ALA B 296 2.10 -42.35 -13.76
CA ALA B 296 3.18 -41.49 -13.31
C ALA B 296 3.88 -42.14 -12.13
N ILE B 297 3.10 -42.68 -11.20
CA ILE B 297 3.63 -43.45 -10.08
C ILE B 297 4.41 -44.68 -10.57
N LYS B 298 3.84 -45.40 -11.53
CA LYS B 298 4.52 -46.57 -12.07
C LYS B 298 5.90 -46.21 -12.62
N TRP B 299 5.98 -45.17 -13.46
CA TRP B 299 7.27 -44.76 -14.08
C TRP B 299 8.29 -44.37 -13.02
N ASP B 300 7.82 -43.72 -11.98
CA ASP B 300 8.68 -43.38 -10.86
C ASP B 300 9.28 -44.65 -10.22
N LEU B 301 8.42 -45.63 -9.95
CA LEU B 301 8.85 -46.93 -9.41
C LEU B 301 9.80 -47.69 -10.34
N GLU B 302 9.67 -47.45 -11.65
CA GLU B 302 10.59 -48.00 -12.67
C GLU B 302 11.79 -47.08 -12.94
N ASP B 303 12.02 -46.09 -12.08
CA ASP B 303 13.14 -45.14 -12.23
C ASP B 303 13.16 -44.42 -13.58
N LYS B 304 11.97 -44.11 -14.10
CA LYS B 304 11.81 -43.37 -15.36
C LYS B 304 11.46 -41.91 -15.09
N PRO B 305 11.91 -41.00 -15.98
CA PRO B 305 11.54 -39.58 -15.81
C PRO B 305 10.02 -39.42 -15.98
N VAL B 306 9.41 -38.55 -15.17
CA VAL B 306 7.97 -38.28 -15.17
C VAL B 306 7.71 -36.79 -15.45
N PRO B 307 6.78 -36.47 -16.40
CA PRO B 307 6.58 -35.04 -16.76
C PRO B 307 6.09 -34.25 -15.58
N THR B 308 6.52 -33.01 -15.46
CA THR B 308 6.01 -32.08 -14.43
C THR B 308 4.47 -31.85 -14.50
N VAL B 309 3.94 -31.80 -15.72
CA VAL B 309 2.56 -31.44 -15.92
C VAL B 309 1.80 -32.38 -16.88
N TYR B 310 0.58 -32.76 -16.47
CA TYR B 310 -0.37 -33.47 -17.33
C TYR B 310 -1.78 -32.79 -17.34
N SER B 311 -2.25 -32.42 -18.51
CA SER B 311 -3.68 -32.03 -18.67
C SER B 311 -4.45 -33.02 -19.55
N GLY B 312 -5.62 -33.44 -19.08
CA GLY B 312 -6.62 -34.11 -19.92
C GLY B 312 -7.36 -33.21 -20.92
N ASP B 313 -8.19 -33.83 -21.76
CA ASP B 313 -8.93 -33.20 -22.85
C ASP B 313 -10.36 -32.91 -22.43
N PHE B 314 -11.01 -32.04 -23.19
CA PHE B 314 -12.42 -31.68 -22.97
C PHE B 314 -13.24 -31.95 -24.24
N GLU B 315 -14.54 -32.11 -24.03
CA GLU B 315 -15.53 -32.04 -25.12
C GLU B 315 -16.58 -31.00 -24.76
N ILE B 316 -17.02 -30.21 -25.74
CA ILE B 316 -18.14 -29.27 -25.54
C ILE B 316 -19.48 -30.02 -25.63
N VAL B 317 -20.33 -29.88 -24.62
CA VAL B 317 -21.65 -30.54 -24.61
C VAL B 317 -22.79 -29.49 -24.48
N THR B 318 -23.80 -29.61 -25.35
CA THR B 318 -24.99 -28.72 -25.29
C THR B 318 -26.28 -29.53 -25.10
N LYS B 319 -27.37 -28.85 -24.70
CA LYS B 319 -28.65 -29.54 -24.45
C LYS B 319 -29.32 -30.10 -25.73
N ALA B 320 -28.82 -29.67 -26.89
CA ALA B 320 -29.25 -30.11 -28.21
C ALA B 320 -28.66 -31.46 -28.66
N ASP B 321 -27.56 -31.88 -28.02
CA ASP B 321 -26.84 -33.13 -28.31
C ASP B 321 -27.72 -34.36 -28.13
N SER B 322 -27.57 -35.33 -29.04
CA SER B 322 -28.30 -36.62 -28.97
C SER B 322 -28.04 -37.33 -27.64
N PRO B 323 -29.03 -38.12 -27.16
CA PRO B 323 -28.72 -39.00 -26.01
C PRO B 323 -27.67 -40.06 -26.35
N GLU B 324 -27.38 -40.25 -27.63
CA GLU B 324 -26.34 -41.19 -28.07
C GLU B 324 -24.95 -40.56 -27.99
N ARG B 325 -24.88 -39.28 -28.36
CA ARG B 325 -23.67 -38.46 -28.21
C ARG B 325 -23.27 -38.41 -26.74
N ILE B 326 -24.24 -38.11 -25.86
CA ILE B 326 -24.06 -38.10 -24.41
C ILE B 326 -23.57 -39.46 -23.88
N GLU B 327 -24.15 -40.53 -24.39
CA GLU B 327 -23.84 -41.88 -23.94
C GLU B 327 -22.44 -42.32 -24.38
N ALA B 328 -22.07 -41.97 -25.62
CA ALA B 328 -20.74 -42.22 -26.16
C ALA B 328 -19.64 -41.43 -25.43
N LEU B 329 -20.02 -40.33 -24.78
CA LEU B 329 -19.07 -39.46 -24.08
C LEU B 329 -18.89 -39.96 -22.67
N LYS B 330 -19.99 -40.40 -22.07
CA LYS B 330 -19.97 -41.07 -20.78
C LYS B 330 -19.13 -42.34 -20.82
N LYS B 331 -19.07 -42.95 -22.02
CA LYS B 331 -18.29 -44.16 -22.26
C LYS B 331 -16.77 -43.92 -22.20
N ARG B 332 -16.30 -42.90 -22.93
CA ARG B 332 -14.88 -42.48 -22.90
C ARG B 332 -14.47 -41.90 -21.55
N ALA B 333 -15.30 -40.99 -21.02
CA ALA B 333 -14.96 -40.19 -19.82
C ALA B 333 -14.93 -40.99 -18.52
N PHE B 334 -15.85 -41.94 -18.39
CA PHE B 334 -15.94 -42.75 -17.17
C PHE B 334 -15.61 -44.23 -17.40
N ARG B 335 -14.79 -44.51 -18.42
CA ARG B 335 -14.33 -45.88 -18.75
C ARG B 335 -13.94 -46.73 -17.52
N TYR B 336 -13.41 -46.07 -16.49
CA TYR B 336 -12.99 -46.74 -15.25
C TYR B 336 -13.95 -46.53 -14.09
N SER B 337 -14.36 -45.28 -13.86
CA SER B 337 -15.06 -44.94 -12.63
C SER B 337 -16.55 -45.33 -12.68
N ASP B 338 -17.05 -45.61 -13.88
CA ASP B 338 -18.38 -46.24 -14.05
C ASP B 338 -18.28 -47.77 -14.03
N ASN B 339 -17.05 -48.29 -14.06
CA ASN B 339 -16.72 -49.72 -14.03
C ASN B 339 -16.53 -50.35 -15.42
N SER C 2 30.44 -11.39 -2.17
CA SER C 2 30.09 -12.25 -3.32
C SER C 2 29.10 -11.55 -4.24
N LYS C 3 29.33 -11.68 -5.54
CA LYS C 3 28.53 -10.99 -6.57
C LYS C 3 27.08 -11.49 -6.57
N GLN C 4 26.92 -12.79 -6.36
CA GLN C 4 25.61 -13.42 -6.21
C GLN C 4 24.92 -13.13 -4.88
N GLN C 5 25.68 -12.85 -3.83
CA GLN C 5 25.07 -12.52 -2.55
C GLN C 5 24.52 -11.07 -2.52
N THR C 6 25.17 -10.18 -3.26
CA THR C 6 24.73 -8.79 -3.41
C THR C 6 23.47 -8.72 -4.29
N SER C 7 23.50 -9.50 -5.38
CA SER C 7 22.39 -9.67 -6.30
C SER C 7 21.12 -10.21 -5.62
N ALA C 8 21.26 -11.19 -4.73
CA ALA C 8 20.13 -11.74 -3.98
C ALA C 8 19.59 -10.73 -2.96
N LEU C 9 20.51 -10.05 -2.26
CA LEU C 9 20.18 -8.99 -1.32
C LEU C 9 19.39 -7.88 -1.99
N ILE C 10 19.89 -7.43 -3.13
CA ILE C 10 19.22 -6.38 -3.86
C ILE C 10 17.81 -6.78 -4.28
N HIS C 11 17.63 -8.01 -4.78
CA HIS C 11 16.31 -8.39 -5.19
C HIS C 11 15.36 -8.58 -4.02
N ASN C 12 15.88 -9.05 -2.87
CA ASN C 12 15.06 -9.10 -1.65
C ASN C 12 14.56 -7.72 -1.19
N ILE C 13 15.38 -6.70 -1.35
CA ILE C 13 14.98 -5.37 -0.90
C ILE C 13 13.91 -4.83 -1.83
N PHE C 14 14.12 -5.02 -3.13
CA PHE C 14 13.20 -4.53 -4.15
C PHE C 14 11.87 -5.22 -3.91
N ASP C 15 11.94 -6.53 -3.71
CA ASP C 15 10.75 -7.36 -3.55
C ASP C 15 10.00 -7.01 -2.29
N SER C 16 10.71 -6.76 -1.21
CA SER C 16 10.00 -6.45 0.02
C SER C 16 9.37 -5.03 0.02
N HIS C 17 9.95 -4.09 -0.72
CA HIS C 17 9.33 -2.77 -0.95
C HIS C 17 7.93 -2.89 -1.62
N PHE C 18 7.82 -3.71 -2.65
CA PHE C 18 6.55 -3.91 -3.34
C PHE C 18 5.62 -4.84 -2.58
N ALA C 19 6.19 -5.80 -1.85
CA ALA C 19 5.38 -6.67 -1.02
C ALA C 19 4.66 -5.87 0.07
N ALA C 20 5.33 -4.85 0.61
CA ALA C 20 4.71 -3.92 1.57
C ALA C 20 3.64 -2.98 0.96
N ILE C 21 3.93 -2.42 -0.20
CA ILE C 21 2.95 -1.62 -0.94
C ILE C 21 1.70 -2.46 -1.28
N GLN C 22 1.90 -3.75 -1.55
CA GLN C 22 0.82 -4.67 -1.91
C GLN C 22 -0.02 -5.07 -0.69
N ILE C 23 0.65 -5.38 0.42
CA ILE C 23 -0.02 -5.56 1.71
C ILE C 23 -0.90 -4.34 2.06
N HIS C 24 -0.33 -3.15 1.92
CA HIS C 24 -1.00 -1.90 2.23
C HIS C 24 -2.25 -1.76 1.34
N HIS C 25 -2.08 -1.99 0.04
CA HIS C 25 -3.15 -1.91 -0.94
C HIS C 25 -4.26 -2.95 -0.65
N ASP C 26 -3.87 -4.19 -0.42
CA ASP C 26 -4.83 -5.22 -0.01
C ASP C 26 -5.66 -4.76 1.18
N SER C 27 -4.99 -4.21 2.17
CA SER C 27 -5.64 -3.89 3.43
C SER C 27 -6.61 -2.73 3.28
N ASN C 28 -6.13 -1.63 2.71
CA ASN C 28 -6.97 -0.46 2.49
C ASN C 28 -8.12 -0.69 1.53
N SER C 29 -7.94 -1.63 0.62
CA SER C 29 -9.00 -1.98 -0.29
C SER C 29 -10.20 -2.66 0.35
N LYS C 30 -10.07 -3.14 1.60
CA LYS C 30 -11.21 -3.70 2.37
C LYS C 30 -11.99 -2.62 3.13
N SER C 31 -11.55 -1.36 3.03
CA SER C 31 -12.26 -0.26 3.70
C SER C 31 -13.73 -0.16 3.28
N GLU C 32 -14.60 0.08 4.25
CA GLU C 32 -16.00 0.40 3.96
C GLU C 32 -16.18 1.68 3.15
N VAL C 33 -15.26 2.64 3.29
CA VAL C 33 -15.34 3.89 2.55
C VAL C 33 -15.22 3.61 1.06
N ILE C 34 -14.33 2.70 0.71
CA ILE C 34 -14.09 2.39 -0.69
C ILE C 34 -15.29 1.61 -1.28
N ARG C 35 -15.72 0.60 -0.54
CA ARG C 35 -16.92 -0.17 -0.78
C ARG C 35 -18.10 0.78 -1.01
N ASP C 36 -18.38 1.64 -0.03
CA ASP C 36 -19.52 2.58 -0.06
C ASP C 36 -19.47 3.58 -1.20
N PHE C 37 -18.27 4.01 -1.60
CA PHE C 37 -18.15 4.88 -2.73
C PHE C 37 -18.89 4.36 -3.97
N TYR C 38 -19.01 3.05 -4.11
CA TYR C 38 -19.66 2.51 -5.30
C TYR C 38 -21.18 2.82 -5.31
N THR C 39 -21.74 3.01 -4.12
CA THR C 39 -23.14 3.35 -3.93
C THR C 39 -23.28 4.87 -3.80
N ASP C 40 -22.54 5.48 -2.88
CA ASP C 40 -22.63 6.91 -2.56
C ASP C 40 -22.03 7.89 -3.59
N ARG C 41 -20.95 7.45 -4.24
CA ARG C 41 -20.19 8.31 -5.14
C ARG C 41 -19.81 9.66 -4.53
N ASP C 42 -19.64 9.70 -3.20
CA ASP C 42 -19.26 10.90 -2.50
C ASP C 42 -17.73 11.05 -2.50
N THR C 43 -17.29 11.89 -3.40
CA THR C 43 -15.90 12.12 -3.70
C THR C 43 -15.12 12.82 -2.55
N ASP C 44 -15.81 13.64 -1.74
CA ASP C 44 -15.19 14.29 -0.56
C ASP C 44 -14.72 13.28 0.47
N VAL C 45 -15.60 12.30 0.74
CA VAL C 45 -15.36 11.20 1.67
C VAL C 45 -14.21 10.31 1.17
N LEU C 46 -14.22 9.97 -0.11
CA LEU C 46 -13.14 9.18 -0.69
C LEU C 46 -11.78 9.87 -0.59
N ASN C 47 -11.73 11.16 -0.93
CA ASN C 47 -10.48 11.91 -0.95
C ASN C 47 -9.89 12.10 0.45
N PHE C 48 -10.76 12.37 1.41
CA PHE C 48 -10.38 12.52 2.81
C PHE C 48 -9.75 11.22 3.32
N PHE C 49 -10.42 10.11 3.02
CA PHE C 49 -9.92 8.78 3.34
C PHE C 49 -8.51 8.51 2.79
N PHE C 50 -8.27 8.71 1.50
CA PHE C 50 -6.90 8.51 0.92
C PHE C 50 -5.88 9.52 1.45
N LEU C 51 -6.28 10.78 1.61
CA LEU C 51 -5.46 11.77 2.30
C LEU C 51 -4.96 11.24 3.64
N SER C 52 -5.87 10.63 4.37
CA SER C 52 -5.62 10.14 5.72
C SER C 52 -4.66 8.94 5.77
N ILE C 53 -4.78 8.01 4.82
CA ILE C 53 -3.90 6.83 4.83
C ILE C 53 -2.50 7.10 4.23
N ASP C 54 -2.40 8.10 3.37
CA ASP C 54 -1.12 8.47 2.82
C ASP C 54 -0.31 9.33 3.81
N GLN C 55 -1.02 10.10 4.61
CA GLN C 55 -0.42 10.82 5.74
C GLN C 55 0.15 9.85 6.78
N SER C 56 -0.61 8.78 7.05
CA SER C 56 -0.18 7.69 7.93
C SER C 56 1.02 6.91 7.43
N ASP C 57 1.15 6.79 6.10
CA ASP C 57 2.16 5.94 5.48
C ASP C 57 2.73 6.44 4.13
N PRO C 58 3.54 7.52 4.15
CA PRO C 58 4.22 8.07 2.94
C PRO C 58 5.08 7.13 2.08
N SER C 59 5.88 6.28 2.72
CA SER C 59 6.78 5.41 1.92
C SER C 59 6.07 4.24 1.23
N HIS C 60 4.83 3.95 1.62
CA HIS C 60 4.06 2.90 0.97
C HIS C 60 2.90 3.38 0.13
N THR C 61 2.79 4.68 -0.04
CA THR C 61 1.76 5.21 -0.88
C THR C 61 2.18 5.07 -2.37
N PRO C 62 1.23 4.64 -3.21
CA PRO C 62 1.53 4.54 -4.65
C PRO C 62 1.71 5.93 -5.25
N GLU C 63 2.33 6.03 -6.42
CA GLU C 63 2.41 7.32 -7.08
C GLU C 63 1.04 7.77 -7.55
N PHE C 64 0.22 6.82 -8.00
CA PHE C 64 -1.15 7.14 -8.32
C PHE C 64 -2.06 5.96 -8.18
N ARG C 65 -3.36 6.25 -8.02
CA ARG C 65 -4.34 5.21 -7.82
C ARG C 65 -5.66 5.62 -8.48
N PHE C 66 -6.49 4.61 -8.73
CA PHE C 66 -7.77 4.80 -9.39
C PHE C 66 -8.72 3.62 -9.17
N LEU C 67 -10.00 3.91 -9.38
CA LEU C 67 -11.07 2.94 -9.18
C LEU C 67 -11.81 2.67 -10.47
N THR C 68 -12.13 1.41 -10.70
CA THR C 68 -12.98 1.03 -11.83
C THR C 68 -14.21 0.24 -11.36
N ASP C 69 -15.23 0.19 -12.22
CA ASP C 69 -16.26 -0.86 -12.14
C ASP C 69 -16.00 -1.82 -13.30
N HIS C 70 -17.03 -2.45 -13.85
CA HIS C 70 -16.79 -3.49 -14.87
C HIS C 70 -16.77 -2.93 -16.29
N LYS C 71 -17.19 -1.68 -16.46
CA LYS C 71 -17.06 -0.98 -17.76
C LYS C 71 -15.82 -0.10 -17.84
N GLY C 72 -15.54 0.69 -16.81
CA GLY C 72 -14.37 1.58 -16.87
C GLY C 72 -13.93 2.23 -15.58
N ILE C 73 -12.99 3.18 -15.73
CA ILE C 73 -12.49 4.00 -14.61
C ILE C 73 -13.57 4.95 -14.19
N ILE C 74 -13.93 4.90 -12.91
CA ILE C 74 -14.97 5.76 -12.34
C ILE C 74 -14.44 6.93 -11.47
N TRP C 75 -13.15 6.88 -11.14
CA TRP C 75 -12.51 7.84 -10.25
C TRP C 75 -10.98 7.69 -10.39
N ASP C 76 -10.28 8.79 -10.56
CA ASP C 76 -8.83 8.77 -10.37
C ASP C 76 -8.40 9.81 -9.35
N ASP C 77 -7.22 9.63 -8.79
CA ASP C 77 -6.74 10.56 -7.76
C ASP C 77 -6.12 11.88 -8.28
N GLY C 78 -5.95 12.01 -9.60
CA GLY C 78 -5.41 13.22 -10.23
C GLY C 78 -3.88 13.30 -10.26
N ASN C 79 -3.22 12.36 -9.63
CA ASN C 79 -1.76 12.34 -9.62
C ASN C 79 -1.11 11.89 -10.94
N ALA C 80 -1.79 11.04 -11.72
CA ALA C 80 -1.21 10.41 -12.91
C ALA C 80 -0.80 11.40 -13.98
N HIS C 81 -1.61 12.46 -14.14
CA HIS C 81 -1.30 13.58 -15.02
C HIS C 81 0.14 14.13 -14.85
N PHE C 82 0.66 14.13 -13.62
CA PHE C 82 2.01 14.66 -13.36
C PHE C 82 3.07 13.89 -14.13
N TYR C 83 2.80 12.60 -14.32
CA TYR C 83 3.74 11.67 -14.89
C TYR C 83 3.55 11.49 -16.39
N GLY C 84 2.78 12.37 -17.01
CA GLY C 84 2.46 12.22 -18.43
C GLY C 84 1.31 11.27 -18.74
N VAL C 85 0.75 10.65 -17.70
CA VAL C 85 -0.33 9.68 -17.87
C VAL C 85 -1.70 10.39 -17.97
N ASN C 86 -2.10 10.75 -19.19
CA ASN C 86 -3.44 11.29 -19.44
C ASN C 86 -4.56 10.22 -19.32
N ASP C 87 -5.81 10.65 -19.44
CA ASP C 87 -6.96 9.73 -19.36
C ASP C 87 -6.83 8.51 -20.28
N LEU C 88 -6.33 8.75 -21.49
CA LEU C 88 -6.21 7.75 -22.51
C LEU C 88 -5.25 6.67 -22.06
N ILE C 89 -4.08 7.09 -21.61
CA ILE C 89 -3.04 6.19 -21.16
C ILE C 89 -3.47 5.46 -19.88
N LEU C 90 -4.21 6.13 -19.00
CA LEU C 90 -4.77 5.48 -17.81
C LEU C 90 -5.65 4.30 -18.18
N ASP C 91 -6.56 4.50 -19.14
CA ASP C 91 -7.39 3.42 -19.67
C ASP C 91 -6.58 2.26 -20.18
N SER C 92 -5.50 2.54 -20.91
CA SER C 92 -4.69 1.47 -21.42
C SER C 92 -4.08 0.69 -20.25
N LEU C 93 -3.72 1.38 -19.17
CA LEU C 93 -3.23 0.69 -17.98
C LEU C 93 -4.30 -0.20 -17.39
N ALA C 94 -5.49 0.36 -17.16
CA ALA C 94 -6.64 -0.42 -16.70
C ALA C 94 -6.85 -1.69 -17.53
N ASN C 95 -6.78 -1.56 -18.85
CA ASN C 95 -6.98 -2.70 -19.75
C ASN C 95 -5.81 -3.72 -19.82
N ARG C 96 -4.60 -3.31 -19.45
CA ARG C 96 -3.46 -4.21 -19.48
C ARG C 96 -3.43 -5.11 -18.25
N VAL C 97 -3.93 -4.60 -17.14
CA VAL C 97 -4.01 -5.33 -15.89
C VAL C 97 -5.37 -6.06 -15.83
N SER C 98 -5.42 -7.23 -16.44
CA SER C 98 -6.64 -8.03 -16.59
C SER C 98 -6.81 -9.11 -15.53
N PHE C 99 -5.75 -9.36 -14.75
CA PHE C 99 -5.83 -10.28 -13.61
C PHE C 99 -5.54 -9.55 -12.32
N SER C 100 -6.22 -9.97 -11.23
CA SER C 100 -6.02 -9.38 -9.91
C SER C 100 -4.80 -9.92 -9.14
N ASN C 101 -4.38 -9.13 -8.15
CA ASN C 101 -3.39 -9.58 -7.13
C ASN C 101 -1.99 -9.87 -7.70
N ASN C 102 -1.65 -9.25 -8.82
CA ASN C 102 -0.33 -9.44 -9.42
C ASN C 102 0.21 -8.11 -9.90
N TRP C 103 1.51 -7.90 -9.71
CA TRP C 103 2.17 -6.73 -10.23
C TRP C 103 2.41 -6.96 -11.70
N TYR C 104 2.16 -5.94 -12.50
CA TYR C 104 2.54 -5.92 -13.90
C TYR C 104 3.58 -4.83 -14.07
N TYR C 105 4.63 -5.16 -14.80
CA TYR C 105 5.57 -4.18 -15.24
C TYR C 105 5.04 -3.60 -16.54
N ILE C 106 4.93 -2.27 -16.60
CA ILE C 106 4.46 -1.59 -17.82
C ILE C 106 5.35 -0.42 -18.22
N ASN C 107 5.78 -0.45 -19.47
CA ASN C 107 6.53 0.60 -20.11
C ASN C 107 5.65 1.31 -21.13
N VAL C 108 5.19 2.53 -20.83
CA VAL C 108 4.42 3.31 -21.81
C VAL C 108 5.06 4.62 -22.21
N MET C 109 4.76 5.07 -23.43
CA MET C 109 5.16 6.39 -23.88
C MET C 109 4.15 7.45 -23.47
N THR C 110 4.66 8.60 -23.06
CA THR C 110 3.87 9.76 -22.66
C THR C 110 4.48 10.93 -23.39
N SER C 111 3.81 12.08 -23.34
CA SER C 111 4.30 13.26 -24.04
C SER C 111 5.60 13.77 -23.44
N ILE C 112 5.92 13.33 -22.22
CA ILE C 112 7.19 13.71 -21.59
C ILE C 112 8.23 12.58 -21.55
N GLY C 113 8.02 11.54 -22.35
CA GLY C 113 8.95 10.42 -22.39
C GLY C 113 8.32 9.15 -21.87
N SER C 114 9.09 8.07 -21.89
CA SER C 114 8.56 6.81 -21.46
C SER C 114 8.48 6.71 -19.92
N ARG C 115 7.46 5.97 -19.48
CA ARG C 115 7.21 5.76 -18.08
C ARG C 115 7.24 4.28 -17.76
N HIS C 116 7.92 3.97 -16.65
CA HIS C 116 8.19 2.59 -16.23
C HIS C 116 7.51 2.41 -14.89
N MET C 117 6.54 1.49 -14.85
CA MET C 117 5.59 1.36 -13.76
C MET C 117 5.35 -0.09 -13.35
N LEU C 118 5.10 -0.28 -12.07
CA LEU C 118 4.51 -1.50 -11.57
C LEU C 118 3.08 -1.15 -11.17
N VAL C 119 2.12 -1.92 -11.74
CA VAL C 119 0.70 -1.67 -11.55
C VAL C 119 0.02 -2.97 -11.13
N ARG C 120 -0.88 -2.89 -10.16
CA ARG C 120 -1.65 -4.06 -9.75
C ARG C 120 -3.09 -3.62 -9.47
N ARG C 121 -4.02 -4.57 -9.52
CA ARG C 121 -5.43 -4.31 -9.19
C ARG C 121 -5.91 -5.31 -8.12
N VAL C 122 -6.97 -4.96 -7.44
CA VAL C 122 -7.55 -5.76 -6.38
C VAL C 122 -9.08 -5.59 -6.48
N PRO C 123 -9.85 -6.70 -6.37
CA PRO C 123 -11.32 -6.54 -6.33
C PRO C 123 -11.86 -5.86 -5.07
N ILE C 124 -12.87 -5.00 -5.27
CA ILE C 124 -13.59 -4.40 -4.16
C ILE C 124 -14.89 -5.17 -4.00
N LEU C 125 -15.03 -5.91 -2.88
CA LEU C 125 -16.19 -6.76 -2.64
C LEU C 125 -17.28 -6.15 -1.75
N ASP C 126 -18.52 -6.59 -1.95
CA ASP C 126 -19.56 -6.39 -0.94
C ASP C 126 -19.61 -7.66 -0.09
N PRO C 127 -19.10 -7.60 1.15
CA PRO C 127 -18.95 -8.82 1.92
C PRO C 127 -20.23 -9.54 2.32
N SER C 128 -21.38 -8.90 2.16
CA SER C 128 -22.65 -9.54 2.49
C SER C 128 -23.22 -10.34 1.30
N THR C 129 -22.73 -10.04 0.08
CA THR C 129 -23.19 -10.73 -1.14
C THR C 129 -22.06 -11.38 -1.96
N GLY C 130 -20.81 -11.03 -1.68
CA GLY C 130 -19.70 -11.49 -2.49
C GLY C 130 -19.60 -10.75 -3.82
N GLU C 131 -20.45 -9.75 -4.04
CA GLU C 131 -20.37 -8.91 -5.23
C GLU C 131 -19.04 -8.17 -5.39
N VAL C 132 -18.47 -8.25 -6.59
CA VAL C 132 -17.28 -7.51 -6.96
C VAL C 132 -17.80 -6.22 -7.58
N LEU C 133 -17.67 -5.14 -6.79
CA LEU C 133 -18.20 -3.83 -7.17
C LEU C 133 -17.36 -3.21 -8.25
N GLY C 134 -16.07 -3.50 -8.20
CA GLY C 134 -15.14 -3.07 -9.21
C GLY C 134 -13.74 -3.32 -8.69
N PHE C 135 -12.80 -2.52 -9.17
CA PHE C 135 -11.39 -2.73 -8.87
C PHE C 135 -10.67 -1.48 -8.43
N SER C 136 -9.74 -1.67 -7.51
CA SER C 136 -8.82 -0.64 -7.09
C SER C 136 -7.43 -0.90 -7.71
N PHE C 137 -6.86 0.10 -8.38
CA PHE C 137 -5.49 0.03 -8.95
C PHE C 137 -4.50 0.93 -8.18
N ASN C 138 -3.25 0.43 -8.08
CA ASN C 138 -2.12 1.17 -7.53
C ASN C 138 -1.01 1.12 -8.56
N ALA C 139 -0.44 2.26 -8.91
CA ALA C 139 0.74 2.27 -9.78
C ALA C 139 1.95 2.92 -9.08
N VAL C 140 3.10 2.26 -9.19
CA VAL C 140 4.38 2.79 -8.75
C VAL C 140 5.15 3.19 -9.98
N VAL C 141 5.52 4.48 -10.06
CA VAL C 141 6.37 5.01 -11.12
C VAL C 141 7.84 4.83 -10.68
N LEU C 142 8.60 4.09 -11.46
CA LEU C 142 10.00 3.76 -11.11
C LEU C 142 11.00 4.89 -11.45
N ASP C 143 10.63 5.68 -12.44
CA ASP C 143 11.41 6.79 -12.95
C ASP C 143 11.64 7.81 -11.84
N ASN C 144 12.91 8.10 -11.57
CA ASN C 144 13.33 9.09 -10.57
C ASN C 144 12.64 8.80 -9.24
N ASN C 145 12.64 7.52 -8.87
CA ASN C 145 11.93 7.13 -7.68
C ASN C 145 12.94 7.19 -6.58
N PHE C 146 13.10 8.40 -6.06
CA PHE C 146 14.02 8.67 -4.96
C PHE C 146 13.98 7.66 -3.82
N ALA C 147 12.79 7.44 -3.26
CA ALA C 147 12.61 6.61 -2.07
C ALA C 147 13.05 5.17 -2.30
N LEU C 148 12.77 4.63 -3.49
CA LEU C 148 13.19 3.28 -3.79
C LEU C 148 14.71 3.23 -4.01
N MET C 149 15.28 4.23 -4.69
CA MET C 149 16.74 4.26 -4.87
C MET C 149 17.44 4.36 -3.51
N GLU C 150 16.88 5.18 -2.61
CA GLU C 150 17.41 5.30 -1.25
C GLU C 150 17.27 4.06 -0.40
N LYS C 151 16.19 3.32 -0.56
CA LYS C 151 16.06 2.03 0.11
C LYS C 151 17.08 1.02 -0.39
N LEU C 152 17.17 0.87 -1.71
CA LEU C 152 18.12 -0.07 -2.26
C LEU C 152 19.53 0.27 -1.78
N LYS C 153 19.95 1.53 -1.87
CA LYS C 153 21.28 1.94 -1.40
C LYS C 153 21.46 1.67 0.10
N SER C 154 20.65 2.35 0.92
CA SER C 154 20.76 2.27 2.37
C SER C 154 20.69 0.88 2.99
N GLU C 155 19.80 0.00 2.52
CA GLU C 155 19.63 -1.31 3.17
C GLU C 155 20.55 -2.40 2.61
N SER C 156 21.30 -2.08 1.55
CA SER C 156 22.25 -3.04 0.99
C SER C 156 23.68 -2.65 1.32
N ASN C 157 23.87 -1.44 1.83
CA ASN C 157 25.19 -0.92 2.12
C ASN C 157 26.18 -0.87 0.94
N VAL C 158 25.64 -0.82 -0.28
CA VAL C 158 26.43 -0.49 -1.48
C VAL C 158 26.50 1.02 -1.53
N ASP C 159 27.41 1.55 -2.36
CA ASP C 159 27.67 2.99 -2.40
C ASP C 159 26.72 3.78 -3.24
N ASN C 160 26.23 3.18 -4.34
CA ASN C 160 25.22 3.83 -5.23
C ASN C 160 24.43 2.80 -6.07
N VAL C 161 23.26 3.23 -6.56
CA VAL C 161 22.42 2.42 -7.48
C VAL C 161 21.94 3.21 -8.69
N VAL C 162 21.93 2.55 -9.84
CA VAL C 162 21.28 3.04 -11.03
C VAL C 162 20.29 1.97 -11.54
N LEU C 163 19.03 2.38 -11.73
CA LEU C 163 18.02 1.57 -12.39
C LEU C 163 18.00 1.88 -13.90
N VAL C 164 18.09 0.82 -14.70
CA VAL C 164 18.10 0.96 -16.16
C VAL C 164 17.07 0.06 -16.83
N ALA C 165 16.53 0.54 -17.94
CA ALA C 165 15.63 -0.23 -18.79
C ALA C 165 16.49 -0.59 -19.95
N ASN C 166 16.66 -1.89 -20.17
CA ASN C 166 17.72 -2.35 -21.06
C ASN C 166 19.01 -1.63 -20.62
N SER C 167 19.29 -0.45 -21.15
CA SER C 167 20.34 0.42 -20.56
C SER C 167 20.21 1.91 -20.87
N VAL C 168 18.97 2.35 -20.76
CA VAL C 168 18.66 3.74 -20.58
C VAL C 168 18.52 3.85 -19.06
N PRO C 169 19.26 4.81 -18.44
CA PRO C 169 19.05 5.13 -17.01
C PRO C 169 17.70 5.76 -16.71
N LEU C 170 17.02 5.26 -15.68
CA LEU C 170 15.69 5.75 -15.26
C LEU C 170 15.67 6.36 -13.86
N ALA C 171 16.58 5.90 -13.01
CA ALA C 171 16.73 6.46 -11.67
C ALA C 171 18.09 6.10 -11.12
N ASN C 172 18.57 6.93 -10.18
CA ASN C 172 19.86 6.68 -9.51
C ASN C 172 19.94 7.39 -8.13
N SER C 173 20.91 6.96 -7.32
CA SER C 173 21.11 7.51 -5.97
C SER C 173 22.37 8.38 -5.86
N LEU C 174 22.91 8.80 -7.01
CA LEU C 174 24.16 9.56 -7.04
C LEU C 174 24.00 10.92 -6.38
N ILE C 175 24.87 11.21 -5.43
CA ILE C 175 24.90 12.55 -4.82
C ILE C 175 25.44 13.59 -5.82
N GLY C 176 26.56 13.27 -6.47
CA GLY C 176 27.23 14.21 -7.38
C GLY C 176 28.66 14.57 -7.00
N ASP C 177 29.11 14.03 -5.87
CA ASP C 177 30.48 14.25 -5.38
C ASP C 177 31.39 13.00 -5.56
N GLU C 178 30.95 12.01 -6.33
CA GLU C 178 31.73 10.77 -6.40
C GLU C 178 32.69 10.78 -7.60
N PRO C 179 33.70 9.87 -7.60
CA PRO C 179 34.66 9.70 -8.72
C PRO C 179 34.02 9.42 -10.09
N TYR C 180 32.75 9.00 -10.10
CA TYR C 180 32.10 8.53 -11.34
C TYR C 180 30.75 9.24 -11.47
N ASN C 181 30.26 9.41 -12.70
CA ASN C 181 28.85 9.71 -12.97
C ASN C 181 28.07 8.47 -13.44
N VAL C 182 26.78 8.65 -13.72
CA VAL C 182 25.92 7.54 -14.18
C VAL C 182 26.42 6.95 -15.52
N ALA C 183 26.79 7.83 -16.45
CA ALA C 183 27.39 7.38 -17.70
C ALA C 183 28.61 6.47 -17.47
N ASP C 184 29.46 6.82 -16.51
CA ASP C 184 30.60 5.93 -16.22
C ASP C 184 30.15 4.56 -15.72
N VAL C 185 29.10 4.54 -14.91
CA VAL C 185 28.56 3.29 -14.36
C VAL C 185 28.05 2.42 -15.50
N LEU C 186 27.29 3.03 -16.41
CA LEU C 186 26.77 2.37 -17.61
C LEU C 186 27.84 1.75 -18.54
N GLN C 187 29.07 2.25 -18.45
CA GLN C 187 30.14 1.77 -19.32
C GLN C 187 30.81 0.48 -18.85
N ARG C 188 30.11 -0.62 -19.12
CA ARG C 188 30.63 -1.98 -18.90
C ARG C 188 31.00 -2.66 -20.21
N LEU C 198 34.02 0.82 -8.66
CA LEU C 198 34.74 -0.01 -9.62
C LEU C 198 34.26 -1.49 -9.64
N LEU C 199 33.70 -1.98 -8.53
CA LEU C 199 32.87 -3.19 -8.59
C LEU C 199 31.40 -2.81 -8.89
N VAL C 200 31.04 -2.82 -10.19
CA VAL C 200 29.66 -2.66 -10.67
C VAL C 200 29.00 -4.03 -10.85
N ILE C 201 27.84 -4.22 -10.25
CA ILE C 201 27.10 -5.49 -10.33
C ILE C 201 25.70 -5.28 -10.95
N GLU C 202 25.40 -6.03 -12.02
CA GLU C 202 24.04 -6.07 -12.63
C GLU C 202 23.10 -7.05 -11.94
N THR C 203 21.99 -6.55 -11.42
CA THR C 203 20.91 -7.40 -10.86
C THR C 203 19.61 -7.21 -11.66
N PRO C 204 19.18 -8.26 -12.38
CA PRO C 204 18.01 -8.14 -13.24
C PRO C 204 16.74 -8.05 -12.42
N ILE C 205 15.82 -7.19 -12.81
CA ILE C 205 14.56 -7.04 -12.08
C ILE C 205 13.48 -8.03 -12.55
N VAL C 206 13.01 -8.85 -11.62
CA VAL C 206 11.98 -9.85 -11.82
C VAL C 206 10.67 -9.37 -11.20
N VAL C 207 9.61 -9.32 -12.02
CA VAL C 207 8.27 -8.93 -11.58
C VAL C 207 7.32 -10.10 -11.86
N ASN C 208 6.61 -10.56 -10.81
CA ASN C 208 5.67 -11.68 -10.90
C ASN C 208 6.39 -12.93 -11.45
N ALA C 209 7.63 -13.14 -11.00
CA ALA C 209 8.48 -14.29 -11.39
C ALA C 209 8.94 -14.33 -12.86
N VAL C 210 8.74 -13.22 -13.57
CA VAL C 210 9.19 -13.05 -14.94
C VAL C 210 10.18 -11.87 -15.01
N THR C 211 11.35 -12.14 -15.62
CA THR C 211 12.42 -11.16 -15.77
C THR C 211 12.00 -10.10 -16.76
N THR C 212 12.13 -8.83 -16.36
CA THR C 212 11.80 -7.65 -17.17
C THR C 212 13.04 -7.09 -17.89
N GLU C 213 12.85 -6.04 -18.67
CA GLU C 213 13.96 -5.30 -19.31
C GLU C 213 14.80 -4.48 -18.29
N LEU C 214 14.34 -4.43 -17.03
CA LEU C 214 15.00 -3.62 -16.01
C LEU C 214 16.12 -4.36 -15.32
N CYS C 215 17.15 -3.58 -15.00
CA CYS C 215 18.29 -4.02 -14.21
C CYS C 215 18.63 -2.98 -13.16
N LEU C 216 18.98 -3.45 -11.96
CA LEU C 216 19.64 -2.64 -10.96
C LEU C 216 21.16 -2.76 -11.04
N LEU C 217 21.84 -1.61 -11.18
CA LEU C 217 23.31 -1.59 -11.17
C LEU C 217 23.80 -1.06 -9.82
N THR C 218 24.53 -1.91 -9.10
CA THR C 218 25.11 -1.50 -7.82
C THR C 218 26.61 -1.20 -7.95
N VAL C 219 27.05 -0.18 -7.22
CA VAL C 219 28.45 0.27 -7.20
C VAL C 219 29.04 0.10 -5.81
N GLN C 220 30.20 -0.51 -5.76
CA GLN C 220 30.99 -0.58 -4.53
C GLN C 220 32.43 -0.16 -4.86
N ALA D 8 23.38 -10.49 2.36
CA ALA D 8 22.45 -10.95 3.45
C ALA D 8 22.28 -9.87 4.53
N LEU D 9 21.03 -9.42 4.73
CA LEU D 9 20.80 -8.37 5.72
C LEU D 9 19.45 -8.38 6.49
N ILE D 10 19.63 -8.59 7.79
CA ILE D 10 18.66 -8.44 8.86
C ILE D 10 18.07 -7.02 8.93
N HIS D 11 18.80 -6.03 8.41
CA HIS D 11 18.36 -4.63 8.37
C HIS D 11 17.01 -4.52 7.65
N ASN D 12 16.96 -5.02 6.42
CA ASN D 12 15.72 -5.09 5.66
C ASN D 12 14.59 -5.88 6.38
N ILE D 13 14.93 -7.04 6.94
CA ILE D 13 13.97 -7.87 7.69
C ILE D 13 13.39 -7.16 8.94
N PHE D 14 14.26 -6.48 9.67
CA PHE D 14 13.89 -5.70 10.87
C PHE D 14 12.88 -4.61 10.50
N ASP D 15 13.33 -3.71 9.63
CA ASP D 15 12.51 -2.63 9.12
C ASP D 15 11.20 -3.15 8.53
N SER D 16 11.26 -4.24 7.76
CA SER D 16 10.07 -4.87 7.16
C SER D 16 9.02 -5.27 8.22
N HIS D 17 9.53 -5.74 9.36
CA HIS D 17 8.71 -6.24 10.44
C HIS D 17 7.88 -5.10 11.05
N PHE D 18 8.56 -4.00 11.39
CA PHE D 18 7.92 -2.81 11.94
C PHE D 18 7.05 -2.09 10.92
N ALA D 19 7.39 -2.19 9.63
CA ALA D 19 6.53 -1.66 8.57
C ALA D 19 5.24 -2.45 8.49
N ALA D 20 5.34 -3.78 8.60
CA ALA D 20 4.17 -4.66 8.70
C ALA D 20 3.29 -4.29 9.89
N ILE D 21 3.86 -4.22 11.09
CA ILE D 21 3.09 -3.80 12.28
C ILE D 21 2.34 -2.46 12.02
N GLN D 22 3.08 -1.49 11.52
CA GLN D 22 2.53 -0.19 11.20
C GLN D 22 1.36 -0.23 10.21
N ILE D 23 1.50 -1.06 9.17
CA ILE D 23 0.45 -1.19 8.15
C ILE D 23 -0.84 -1.72 8.78
N HIS D 24 -0.70 -2.71 9.67
CA HIS D 24 -1.88 -3.27 10.37
C HIS D 24 -2.57 -2.26 11.24
N HIS D 25 -1.74 -1.52 12.00
CA HIS D 25 -2.17 -0.50 12.95
C HIS D 25 -2.91 0.60 12.19
N ASP D 26 -2.31 1.11 11.12
CA ASP D 26 -2.96 2.14 10.30
C ASP D 26 -4.32 1.66 9.83
N SER D 27 -4.37 0.47 9.25
CA SER D 27 -5.61 -0.11 8.76
C SER D 27 -6.68 -0.38 9.83
N ASN D 28 -6.30 -0.97 10.96
CA ASN D 28 -7.23 -1.26 12.07
C ASN D 28 -7.88 -0.04 12.66
N SER D 29 -7.10 1.05 12.69
CA SER D 29 -7.51 2.31 13.32
C SER D 29 -8.59 3.00 12.49
N LYS D 30 -8.80 2.52 11.26
CA LYS D 30 -9.85 3.01 10.36
C LYS D 30 -11.11 2.14 10.47
N SER D 31 -11.08 1.17 11.36
CA SER D 31 -12.18 0.22 11.54
C SER D 31 -13.35 0.84 12.31
N GLU D 32 -14.57 0.53 11.85
CA GLU D 32 -15.82 0.95 12.51
C GLU D 32 -15.87 0.42 13.94
N VAL D 33 -15.17 -0.68 14.18
CA VAL D 33 -15.13 -1.33 15.49
C VAL D 33 -14.50 -0.43 16.55
N ILE D 34 -13.38 0.20 16.18
CA ILE D 34 -12.67 1.09 17.09
C ILE D 34 -13.41 2.43 17.26
N ARG D 35 -13.93 2.95 16.15
CA ARG D 35 -14.73 4.18 16.18
C ARG D 35 -15.95 4.01 17.09
N ASP D 36 -16.60 2.84 17.00
CA ASP D 36 -17.80 2.55 17.78
C ASP D 36 -17.48 2.41 19.26
N PHE D 37 -16.32 1.83 19.58
CA PHE D 37 -15.90 1.67 20.97
C PHE D 37 -15.83 3.02 21.69
N TYR D 38 -15.48 4.08 20.98
CA TYR D 38 -15.47 5.41 21.57
C TYR D 38 -16.83 5.80 22.13
N THR D 39 -17.90 5.39 21.46
CA THR D 39 -19.22 5.74 21.96
C THR D 39 -19.82 4.74 22.95
N ASP D 40 -19.63 3.43 22.74
CA ASP D 40 -20.30 2.43 23.58
C ASP D 40 -19.45 1.62 24.57
N ARG D 41 -18.14 1.57 24.35
CA ARG D 41 -17.20 1.00 25.33
C ARG D 41 -17.36 -0.51 25.58
N ASP D 42 -17.81 -1.22 24.54
CA ASP D 42 -17.96 -2.66 24.60
C ASP D 42 -16.58 -3.31 24.46
N THR D 43 -15.98 -3.53 25.62
CA THR D 43 -14.64 -4.08 25.75
C THR D 43 -14.52 -5.52 25.24
N ASP D 44 -15.64 -6.25 25.22
CA ASP D 44 -15.65 -7.61 24.67
C ASP D 44 -15.55 -7.61 23.14
N VAL D 45 -16.32 -6.73 22.51
CA VAL D 45 -16.25 -6.58 21.05
C VAL D 45 -14.84 -6.20 20.63
N LEU D 46 -14.31 -5.14 21.22
CA LEU D 46 -12.95 -4.66 20.95
C LEU D 46 -11.87 -5.71 21.17
N ASN D 47 -11.89 -6.38 22.32
CA ASN D 47 -10.89 -7.44 22.64
C ASN D 47 -10.91 -8.61 21.66
N PHE D 48 -12.09 -8.92 21.13
CA PHE D 48 -12.26 -9.99 20.15
C PHE D 48 -11.77 -9.55 18.78
N PHE D 49 -12.14 -8.32 18.40
CA PHE D 49 -11.62 -7.70 17.19
C PHE D 49 -10.08 -7.82 17.08
N PHE D 50 -9.39 -7.54 18.19
CA PHE D 50 -7.94 -7.62 18.22
C PHE D 50 -7.44 -9.05 18.36
N LEU D 51 -8.30 -9.95 18.88
CA LEU D 51 -7.98 -11.38 18.90
C LEU D 51 -7.97 -11.94 17.48
N SER D 52 -9.00 -11.60 16.70
CA SER D 52 -9.06 -11.97 15.27
C SER D 52 -7.71 -11.68 14.60
N ILE D 53 -7.33 -10.41 14.59
CA ILE D 53 -6.13 -9.96 13.93
C ILE D 53 -4.87 -10.62 14.49
N ASP D 54 -4.83 -10.80 15.82
CA ASP D 54 -3.63 -11.34 16.46
C ASP D 54 -3.34 -12.82 16.10
N GLN D 55 -4.34 -13.69 16.27
CA GLN D 55 -4.14 -15.10 15.90
C GLN D 55 -4.03 -15.29 14.37
N SER D 56 -4.65 -14.39 13.61
CA SER D 56 -4.50 -14.37 12.15
C SER D 56 -3.10 -13.96 11.64
N ASP D 57 -2.26 -13.39 12.51
CA ASP D 57 -0.94 -12.87 12.11
C ASP D 57 0.03 -12.75 13.30
N PRO D 58 0.24 -13.86 14.03
CA PRO D 58 0.92 -13.85 15.34
C PRO D 58 2.32 -13.27 15.27
N SER D 59 2.85 -13.19 14.07
CA SER D 59 4.20 -12.73 13.83
C SER D 59 4.31 -11.21 13.88
N HIS D 60 3.25 -10.51 13.53
CA HIS D 60 3.25 -9.02 13.41
C HIS D 60 2.27 -8.31 14.36
N THR D 61 2.44 -8.48 15.66
CA THR D 61 1.48 -7.91 16.60
C THR D 61 2.18 -7.21 17.76
N PRO D 62 1.65 -6.05 18.19
CA PRO D 62 2.37 -5.30 19.23
C PRO D 62 2.37 -6.05 20.57
N GLU D 63 3.42 -5.89 21.38
CA GLU D 63 3.40 -6.45 22.74
C GLU D 63 2.33 -5.82 23.61
N PHE D 64 1.97 -4.56 23.34
CA PHE D 64 0.72 -4.01 23.89
C PHE D 64 0.10 -2.89 23.07
N ARG D 65 -1.21 -2.71 23.29
CA ARG D 65 -2.01 -1.70 22.62
C ARG D 65 -2.72 -0.88 23.70
N PHE D 66 -3.00 0.39 23.40
CA PHE D 66 -3.98 1.15 24.18
C PHE D 66 -4.65 2.24 23.35
N LEU D 67 -5.81 2.70 23.82
CA LEU D 67 -6.58 3.77 23.21
C LEU D 67 -6.70 4.93 24.18
N THR D 68 -6.68 6.15 23.64
CA THR D 68 -6.93 7.38 24.40
C THR D 68 -8.04 8.21 23.78
N ASP D 69 -8.75 8.96 24.60
CA ASP D 69 -9.46 10.11 24.09
C ASP D 69 -8.68 11.33 24.57
N HIS D 70 -9.15 12.52 24.26
CA HIS D 70 -8.39 13.74 24.57
C HIS D 70 -8.07 14.00 26.03
N LYS D 71 -8.76 13.26 26.90
CA LYS D 71 -8.65 13.43 28.33
C LYS D 71 -7.62 12.46 28.91
N GLY D 72 -7.45 11.30 28.28
CA GLY D 72 -6.52 10.28 28.79
C GLY D 72 -6.82 8.90 28.24
N ILE D 73 -6.20 7.88 28.84
CA ILE D 73 -6.33 6.49 28.38
C ILE D 73 -7.67 5.89 28.79
N ILE D 74 -8.42 5.42 27.80
CA ILE D 74 -9.77 4.89 28.00
C ILE D 74 -9.80 3.34 27.93
N TRP D 75 -8.67 2.74 27.58
CA TRP D 75 -8.57 1.28 27.40
C TRP D 75 -7.14 0.94 27.06
N ASP D 76 -6.66 -0.16 27.65
CA ASP D 76 -5.45 -0.82 27.21
C ASP D 76 -5.70 -2.32 27.31
N ASP D 77 -4.90 -3.11 26.60
CA ASP D 77 -5.19 -4.55 26.40
C ASP D 77 -4.78 -5.46 27.57
N GLY D 78 -4.29 -4.88 28.65
CA GLY D 78 -3.88 -5.69 29.80
C GLY D 78 -2.43 -6.10 29.78
N ASN D 79 -1.79 -6.05 28.62
CA ASN D 79 -0.40 -6.57 28.52
C ASN D 79 0.67 -5.69 29.11
N ALA D 80 0.41 -4.39 29.17
CA ALA D 80 1.45 -3.41 29.47
C ALA D 80 2.13 -3.62 30.82
N HIS D 81 1.33 -3.94 31.83
CA HIS D 81 1.78 -4.03 33.23
C HIS D 81 2.78 -5.14 33.46
N PHE D 82 2.66 -6.22 32.68
CA PHE D 82 3.58 -7.36 32.74
C PHE D 82 5.00 -7.01 32.34
N TYR D 83 5.14 -5.90 31.62
CA TYR D 83 6.45 -5.40 31.20
C TYR D 83 7.00 -4.33 32.16
N GLY D 84 6.25 -4.01 33.21
CA GLY D 84 6.62 -2.95 34.14
C GLY D 84 5.94 -1.63 33.80
N VAL D 85 5.24 -1.63 32.68
CA VAL D 85 4.58 -0.41 32.19
C VAL D 85 3.25 -0.20 32.93
N ASN D 86 3.38 0.29 34.16
CA ASN D 86 2.23 0.64 35.00
C ASN D 86 1.45 1.83 34.45
N ASP D 87 0.33 2.13 35.12
CA ASP D 87 -0.57 3.18 34.69
C ASP D 87 0.09 4.57 34.58
N LEU D 88 0.98 4.89 35.52
CA LEU D 88 1.70 6.17 35.46
C LEU D 88 2.62 6.23 34.25
N ILE D 89 3.43 5.19 34.08
CA ILE D 89 4.33 5.07 32.91
C ILE D 89 3.57 5.03 31.55
N LEU D 90 2.42 4.33 31.50
CA LEU D 90 1.58 4.31 30.29
C LEU D 90 1.13 5.71 29.91
N ASP D 91 0.86 6.48 30.95
CA ASP D 91 0.37 7.82 30.85
C ASP D 91 1.45 8.72 30.29
N SER D 92 2.69 8.55 30.78
CA SER D 92 3.77 9.38 30.26
C SER D 92 4.14 9.00 28.82
N LEU D 93 4.04 7.71 28.48
CA LEU D 93 4.12 7.24 27.09
C LEU D 93 3.16 7.95 26.14
N ALA D 94 1.89 8.03 26.54
CA ALA D 94 0.87 8.76 25.78
C ALA D 94 1.25 10.20 25.51
N ASN D 95 1.88 10.85 26.49
CA ASN D 95 2.21 12.27 26.35
C ASN D 95 3.51 12.49 25.59
N ARG D 96 4.44 11.53 25.74
CA ARG D 96 5.71 11.55 25.04
C ARG D 96 5.53 11.40 23.52
N VAL D 97 4.58 10.57 23.13
CA VAL D 97 4.26 10.33 21.72
C VAL D 97 3.23 11.39 21.29
N SER D 98 3.74 12.58 20.98
CA SER D 98 2.92 13.78 20.78
C SER D 98 2.64 14.11 19.31
N PHE D 99 3.40 13.52 18.39
CA PHE D 99 3.06 13.52 16.96
C PHE D 99 2.55 12.13 16.56
N SER D 100 1.58 12.11 15.67
CA SER D 100 1.05 10.85 15.18
C SER D 100 1.86 10.28 14.01
N ASN D 101 1.59 9.01 13.66
CA ASN D 101 2.07 8.37 12.44
C ASN D 101 3.56 8.14 12.43
N ASN D 102 4.19 8.25 13.58
CA ASN D 102 5.63 8.04 13.66
C ASN D 102 6.04 7.17 14.83
N TRP D 103 7.02 6.30 14.55
CA TRP D 103 7.64 5.46 15.55
C TRP D 103 8.56 6.31 16.42
N TYR D 104 8.43 6.12 17.72
CA TYR D 104 9.32 6.73 18.70
C TYR D 104 10.08 5.62 19.42
N TYR D 105 11.37 5.80 19.58
CA TYR D 105 12.13 4.87 20.35
C TYR D 105 12.19 5.39 21.80
N ILE D 106 11.55 4.65 22.70
CA ILE D 106 11.49 5.05 24.09
C ILE D 106 12.15 4.03 25.01
N ASN D 107 12.98 4.56 25.91
CA ASN D 107 13.59 3.78 26.98
C ASN D 107 13.22 4.36 28.35
N VAL D 108 12.63 3.54 29.20
CA VAL D 108 12.11 4.02 30.47
C VAL D 108 12.51 3.06 31.60
N MET D 109 12.76 3.60 32.78
CA MET D 109 12.91 2.79 33.97
C MET D 109 11.56 2.29 34.48
N THR D 110 11.46 0.97 34.65
CA THR D 110 10.33 0.34 35.35
C THR D 110 10.85 -0.36 36.61
N SER D 111 9.94 -0.76 37.49
CA SER D 111 10.32 -1.43 38.75
C SER D 111 10.96 -2.81 38.55
N ILE D 112 10.82 -3.38 37.35
CA ILE D 112 11.42 -4.68 37.02
C ILE D 112 12.54 -4.59 35.96
N GLY D 113 13.13 -3.39 35.83
CA GLY D 113 14.25 -3.18 34.92
C GLY D 113 13.96 -2.22 33.77
N SER D 114 15.02 -1.69 33.18
CA SER D 114 14.95 -0.80 32.00
C SER D 114 14.12 -1.44 30.91
N ARG D 115 13.33 -0.65 30.21
CA ARG D 115 12.50 -1.16 29.11
C ARG D 115 12.70 -0.38 27.83
N HIS D 116 13.02 -1.12 26.77
CA HIS D 116 13.33 -0.56 25.45
C HIS D 116 12.18 -0.82 24.50
N MET D 117 11.56 0.26 24.03
CA MET D 117 10.32 0.15 23.26
C MET D 117 10.32 1.01 21.99
N LEU D 118 9.49 0.61 21.04
CA LEU D 118 9.15 1.45 19.88
C LEU D 118 7.66 1.69 19.94
N VAL D 119 7.27 2.96 19.98
CA VAL D 119 5.85 3.31 20.16
C VAL D 119 5.37 4.26 19.06
N ARG D 120 4.11 4.11 18.67
CA ARG D 120 3.54 4.98 17.65
C ARG D 120 2.04 5.16 17.90
N ARG D 121 1.47 6.26 17.39
CA ARG D 121 0.05 6.54 17.55
C ARG D 121 -0.55 7.01 16.24
N VAL D 122 -1.86 6.84 16.13
CA VAL D 122 -2.60 7.16 14.95
C VAL D 122 -3.91 7.73 15.47
N PRO D 123 -4.44 8.82 14.84
CA PRO D 123 -5.69 9.42 15.29
C PRO D 123 -6.90 8.60 14.83
N ILE D 124 -7.91 8.53 15.69
CA ILE D 124 -9.16 7.90 15.35
C ILE D 124 -10.15 9.00 14.94
N LEU D 125 -10.60 8.91 13.68
CA LEU D 125 -11.39 9.93 13.03
C LEU D 125 -12.81 9.48 12.67
N ASP D 126 -13.76 10.38 12.81
CA ASP D 126 -15.02 10.22 12.12
C ASP D 126 -14.89 10.65 10.65
N PRO D 127 -14.97 9.68 9.72
CA PRO D 127 -14.67 9.92 8.30
C PRO D 127 -15.70 10.82 7.61
N SER D 128 -16.69 11.30 8.35
CA SER D 128 -17.74 12.10 7.75
C SER D 128 -17.66 13.50 8.30
N THR D 129 -17.48 13.62 9.61
CA THR D 129 -17.38 14.93 10.25
C THR D 129 -15.95 15.51 10.32
N GLY D 130 -14.93 14.65 10.29
CA GLY D 130 -13.54 15.07 10.47
C GLY D 130 -13.11 15.16 11.91
N GLU D 131 -13.95 14.70 12.83
CA GLU D 131 -13.63 14.73 14.25
C GLU D 131 -12.54 13.75 14.59
N VAL D 132 -11.60 14.22 15.41
CA VAL D 132 -10.63 13.37 16.08
C VAL D 132 -11.16 12.87 17.44
N LEU D 133 -11.50 11.59 17.50
CA LEU D 133 -12.04 11.00 18.74
C LEU D 133 -10.94 10.75 19.79
N GLY D 134 -9.74 10.46 19.28
CA GLY D 134 -8.63 10.15 20.13
C GLY D 134 -7.54 9.48 19.34
N PHE D 135 -6.71 8.72 20.03
CA PHE D 135 -5.58 8.08 19.39
C PHE D 135 -5.43 6.62 19.79
N SER D 136 -4.86 5.88 18.86
CA SER D 136 -4.58 4.49 19.06
C SER D 136 -3.05 4.33 19.09
N PHE D 137 -2.53 3.62 20.10
CA PHE D 137 -1.09 3.38 20.23
C PHE D 137 -0.76 1.90 20.07
N ASN D 138 0.45 1.61 19.60
CA ASN D 138 0.98 0.27 19.53
C ASN D 138 2.37 0.36 20.08
N ALA D 139 2.77 -0.64 20.86
CA ALA D 139 4.11 -0.68 21.42
C ALA D 139 4.71 -2.07 21.23
N VAL D 140 6.00 -2.07 20.96
CA VAL D 140 6.79 -3.26 20.81
C VAL D 140 7.80 -3.16 21.92
N VAL D 141 7.79 -4.15 22.82
CA VAL D 141 8.85 -4.22 23.83
C VAL D 141 10.00 -5.05 23.24
N LEU D 142 11.18 -4.46 23.19
CA LEU D 142 12.33 -5.10 22.57
C LEU D 142 13.05 -6.08 23.51
N ASP D 143 13.17 -5.70 24.80
CA ASP D 143 13.71 -6.58 25.86
C ASP D 143 13.07 -7.97 25.88
N ASN D 144 13.93 -8.98 25.92
CA ASN D 144 13.55 -10.40 25.90
C ASN D 144 12.43 -10.71 24.87
N ASN D 145 12.56 -10.17 23.67
CA ASN D 145 11.57 -10.42 22.60
C ASN D 145 11.92 -11.65 21.76
N PHE D 146 11.83 -12.83 22.35
CA PHE D 146 12.33 -14.08 21.71
C PHE D 146 11.75 -14.34 20.31
N ALA D 147 10.45 -14.15 20.14
CA ALA D 147 9.77 -14.36 18.87
C ALA D 147 10.34 -13.50 17.75
N LEU D 148 10.67 -12.24 18.06
CA LEU D 148 11.24 -11.33 17.08
C LEU D 148 12.66 -11.76 16.75
N MET D 149 13.42 -12.12 17.80
CA MET D 149 14.78 -12.66 17.63
C MET D 149 14.77 -13.93 16.79
N GLU D 150 13.82 -14.82 17.06
CA GLU D 150 13.63 -16.00 16.23
C GLU D 150 13.26 -15.67 14.78
N LYS D 151 12.37 -14.70 14.57
CA LYS D 151 12.07 -14.30 13.20
C LYS D 151 13.31 -13.72 12.51
N LEU D 152 14.05 -12.85 13.19
CA LEU D 152 15.26 -12.24 12.64
C LEU D 152 16.33 -13.26 12.28
N LYS D 153 16.40 -14.34 13.05
CA LYS D 153 17.42 -15.38 12.88
C LYS D 153 17.17 -16.23 11.63
N SER D 154 15.93 -16.71 11.51
CA SER D 154 15.52 -17.62 10.45
C SER D 154 15.40 -16.92 9.08
N GLU D 155 14.86 -15.71 9.08
CA GLU D 155 14.71 -14.95 7.84
C GLU D 155 16.05 -14.42 7.28
N SER D 156 17.06 -14.27 8.13
CA SER D 156 18.38 -13.83 7.66
C SER D 156 19.41 -14.96 7.51
N ASN D 157 18.97 -16.20 7.70
CA ASN D 157 19.81 -17.39 7.57
C ASN D 157 21.13 -17.33 8.36
N VAL D 158 21.15 -16.54 9.44
CA VAL D 158 22.30 -16.51 10.36
C VAL D 158 22.11 -17.49 11.51
N ASP D 159 23.22 -17.80 12.17
CA ASP D 159 23.22 -18.78 13.26
C ASP D 159 22.57 -18.26 14.54
N ASN D 160 22.87 -17.03 14.93
CA ASN D 160 22.22 -16.40 16.08
C ASN D 160 22.14 -14.86 15.99
N VAL D 161 21.20 -14.26 16.74
CA VAL D 161 21.03 -12.80 16.80
C VAL D 161 20.97 -12.27 18.25
N VAL D 162 21.68 -11.19 18.50
CA VAL D 162 21.64 -10.47 19.77
C VAL D 162 21.29 -8.98 19.54
N LEU D 163 20.25 -8.51 20.22
CA LEU D 163 19.91 -7.09 20.25
C LEU D 163 20.51 -6.40 21.47
N VAL D 164 21.13 -5.25 21.22
CA VAL D 164 21.98 -4.56 22.18
C VAL D 164 21.59 -3.08 22.21
N ALA D 165 21.33 -2.55 23.40
CA ALA D 165 21.06 -1.12 23.58
C ALA D 165 22.28 -0.48 24.18
N ASN D 166 23.01 0.27 23.35
CA ASN D 166 24.23 0.90 23.81
C ASN D 166 25.23 -0.07 24.52
N SER D 167 25.66 -1.10 23.78
CA SER D 167 26.57 -2.16 24.30
C SER D 167 25.99 -3.11 25.39
N VAL D 168 24.68 -3.00 25.66
CA VAL D 168 24.03 -3.79 26.71
C VAL D 168 22.97 -4.69 26.07
N PRO D 169 23.13 -6.03 26.24
CA PRO D 169 22.16 -6.99 25.67
C PRO D 169 20.77 -6.86 26.29
N LEU D 170 19.74 -6.92 25.46
CA LEU D 170 18.37 -6.84 25.94
C LEU D 170 17.48 -7.93 25.34
N ALA D 171 17.99 -8.61 24.31
CA ALA D 171 17.31 -9.77 23.73
C ALA D 171 18.30 -10.56 22.86
N ASN D 172 18.06 -11.87 22.75
CA ASN D 172 18.90 -12.76 21.97
C ASN D 172 18.13 -14.00 21.50
N SER D 173 18.65 -14.67 20.46
CA SER D 173 18.06 -15.92 19.99
C SER D 173 18.82 -17.19 20.44
N LEU D 174 19.79 -17.06 21.35
CA LEU D 174 20.58 -18.22 21.78
C LEU D 174 19.70 -19.30 22.43
N ILE D 175 19.97 -20.54 22.04
CA ILE D 175 19.28 -21.71 22.58
C ILE D 175 19.82 -22.11 23.97
N GLY D 176 21.11 -21.86 24.20
CA GLY D 176 21.77 -22.16 25.49
C GLY D 176 22.70 -23.37 25.46
N ASP D 177 22.85 -23.98 24.29
CA ASP D 177 23.66 -25.20 24.07
C ASP D 177 24.84 -25.01 23.11
N GLU D 178 24.91 -23.82 22.50
CA GLU D 178 25.97 -23.55 21.55
C GLU D 178 27.30 -23.30 22.27
N PRO D 179 28.44 -23.54 21.58
CA PRO D 179 29.77 -23.41 22.20
C PRO D 179 30.16 -21.98 22.55
N TYR D 180 29.15 -21.15 22.82
CA TYR D 180 29.37 -19.75 23.20
C TYR D 180 28.16 -19.19 23.93
N ASN D 181 28.37 -18.11 24.65
CA ASN D 181 27.27 -17.33 25.21
C ASN D 181 27.17 -15.92 24.62
N VAL D 182 26.14 -15.18 25.05
CA VAL D 182 25.97 -13.76 24.72
C VAL D 182 27.22 -12.91 25.05
N ALA D 183 27.84 -13.15 26.22
CA ALA D 183 29.08 -12.49 26.59
C ALA D 183 30.19 -12.66 25.54
N ASP D 184 30.29 -13.85 24.94
CA ASP D 184 31.30 -14.12 23.90
C ASP D 184 31.01 -13.31 22.64
N VAL D 185 29.73 -13.10 22.36
CA VAL D 185 29.27 -12.29 21.22
C VAL D 185 29.72 -10.82 21.35
N LEU D 186 29.69 -10.27 22.55
CA LEU D 186 30.08 -8.86 22.78
C LEU D 186 31.59 -8.63 22.92
N GLN D 187 32.37 -9.69 22.73
CA GLN D 187 33.82 -9.71 23.04
C GLN D 187 34.14 -9.45 24.52
N LEU D 198 33.84 -17.75 15.06
CA LEU D 198 32.73 -16.86 15.44
C LEU D 198 32.80 -15.54 14.64
N LEU D 199 31.92 -15.43 13.64
CA LEU D 199 31.83 -14.23 12.80
C LEU D 199 30.60 -13.39 13.16
N VAL D 200 30.82 -12.30 13.88
CA VAL D 200 29.76 -11.37 14.27
C VAL D 200 29.80 -10.10 13.42
N ILE D 201 28.63 -9.63 12.99
CA ILE D 201 28.47 -8.41 12.21
C ILE D 201 27.52 -7.46 12.95
N GLU D 202 27.83 -6.16 12.93
CA GLU D 202 26.99 -5.13 13.59
C GLU D 202 26.09 -4.35 12.62
N THR D 203 24.80 -4.32 12.92
CA THR D 203 23.84 -3.54 12.14
C THR D 203 23.06 -2.60 13.06
N PRO D 204 23.37 -1.28 13.04
CA PRO D 204 22.62 -0.31 13.87
C PRO D 204 21.19 -0.09 13.36
N ILE D 205 20.27 0.21 14.28
CA ILE D 205 18.86 0.47 13.93
C ILE D 205 18.57 1.98 13.77
N VAL D 206 17.86 2.30 12.69
CA VAL D 206 17.44 3.67 12.39
C VAL D 206 15.96 3.83 12.67
N VAL D 207 15.61 4.81 13.51
CA VAL D 207 14.20 5.04 13.83
C VAL D 207 13.71 6.42 13.42
N ASN D 208 12.66 6.43 12.61
CA ASN D 208 12.08 7.63 12.05
C ASN D 208 13.20 8.55 11.53
N ALA D 209 13.99 7.97 10.62
CA ALA D 209 15.14 8.60 9.96
C ALA D 209 16.35 8.92 10.86
N VAL D 210 16.27 8.54 12.14
CA VAL D 210 17.33 8.83 13.10
C VAL D 210 17.97 7.53 13.61
N THR D 211 19.30 7.45 13.49
CA THR D 211 20.06 6.31 14.02
C THR D 211 19.97 6.30 15.55
N THR D 212 19.60 5.14 16.08
CA THR D 212 19.44 4.94 17.52
C THR D 212 20.67 4.27 18.15
N GLU D 213 20.64 4.15 19.48
CA GLU D 213 21.63 3.36 20.22
C GLU D 213 21.51 1.86 19.94
N LEU D 214 20.34 1.42 19.45
CA LEU D 214 20.11 0.02 19.13
C LEU D 214 20.97 -0.55 17.99
N CYS D 215 21.43 -1.78 18.19
CA CYS D 215 22.32 -2.46 17.26
C CYS D 215 21.99 -3.97 17.25
N LEU D 216 21.96 -4.55 16.07
CA LEU D 216 21.77 -6.00 15.95
C LEU D 216 23.07 -6.71 15.65
N LEU D 217 23.40 -7.69 16.49
CA LEU D 217 24.62 -8.48 16.35
C LEU D 217 24.28 -9.88 15.85
N THR D 218 24.72 -10.20 14.64
CA THR D 218 24.49 -11.51 14.05
C THR D 218 25.71 -12.40 14.18
N VAL D 219 25.49 -13.70 14.27
CA VAL D 219 26.58 -14.69 14.30
C VAL D 219 26.39 -15.72 13.18
N GLN D 220 27.52 -16.04 12.54
CA GLN D 220 27.65 -17.25 11.69
C GLN D 220 28.95 -18.01 12.03
#